data_7QDX
#
_entry.id   7QDX
#
_cell.length_a   109.270
_cell.length_b   109.270
_cell.length_c   176.260
_cell.angle_alpha   90.000
_cell.angle_beta   90.000
_cell.angle_gamma   90.000
#
_symmetry.space_group_name_H-M   'I 4'
#
loop_
_entity.id
_entity.type
_entity.pdbx_description
1 polymer "Inosine-5'-monophosphate dehydrogenase"
2 non-polymer 'MAGNESIUM ION'
3 non-polymer "ADENOSINE-5'-TRIPHOSPHATE"
4 water water
#
_entity_poly.entity_id   1
_entity_poly.type   'polypeptide(L)'
_entity_poly.pdbx_seq_one_letter_code
;MGSSHHHHHHSSGLVPRGSHMLRIAKEALTFDDVLLVPAHSTVLPNTADLSTQLTKTIRLNIPMLSAAMDTVTEARLAIA
LAQEGGIGFIHKNMSIERQAEEVRRVKKHESAIVRDPVTVTPSTKIIELLQMAREYGFSGFPVVEQGELVGIVTGRDLRV
KPNAGDTVAAIMTPKDKLVTAREGTPLEEMKAKLYENRIEKMLVVDENFYLRGLVTFRDIEKAERKPNACKDEQGRLRVG
AAVGAGAGNEERVDALVAAGVDVLLIDSSHGHSEGVLQRIRETRAKYPDLQIIGGNVATAAGARALAEAGCSAVKVGIGP
GSICTTRIVTGVGVPQITAVADAVEALEGTGIPVIADGGIRFSGDIAKAIAAGASAVMVGSMLAGTEESPGEIELYQGRS
YKSYRGMGSLGAMSKGSSDRYFQSDNAADKLVPEGIEGRVAYKGRLKEIIHQQMGGLRSCMGLTGCGTIDELRTKAEFVR
ISGAGIQESHVHDVTITKESPNYRLGS
;
_entity_poly.pdbx_strand_id   A,B
#
loop_
_chem_comp.id
_chem_comp.type
_chem_comp.name
_chem_comp.formula
ATP non-polymer ADENOSINE-5'-TRIPHOSPHATE 'C10 H16 N5 O13 P3'
MG non-polymer 'MAGNESIUM ION' 'Mg 2'
#
# COMPACT_ATOMS: atom_id res chain seq x y z
N ILE A 24 27.59 -50.65 20.55
CA ILE A 24 26.62 -49.70 20.00
C ILE A 24 27.38 -48.45 19.45
N ALA A 25 26.61 -47.48 18.93
CA ALA A 25 27.05 -46.14 18.52
C ALA A 25 27.62 -46.07 17.10
N LYS A 26 26.80 -45.60 16.15
CA LYS A 26 27.20 -45.30 14.78
C LYS A 26 27.05 -43.80 14.54
N GLU A 27 28.07 -43.17 13.95
CA GLU A 27 28.08 -41.72 13.80
C GLU A 27 27.01 -41.27 12.81
N ALA A 28 26.52 -40.04 13.00
CA ALA A 28 25.36 -39.55 12.27
C ALA A 28 25.46 -38.05 12.14
N LEU A 29 25.28 -37.56 10.91
CA LEU A 29 25.58 -36.18 10.57
C LEU A 29 24.30 -35.39 10.37
N THR A 30 24.31 -34.13 10.78
CA THR A 30 23.28 -33.18 10.37
C THR A 30 23.76 -32.40 9.14
N PHE A 31 22.88 -31.50 8.65
CA PHE A 31 23.26 -30.57 7.60
C PHE A 31 24.59 -29.87 7.94
N ASP A 32 24.70 -29.32 9.14
CA ASP A 32 25.87 -28.53 9.52
C ASP A 32 27.16 -29.33 9.57
N ASP A 33 27.12 -30.65 9.52
CA ASP A 33 28.33 -31.46 9.65
C ASP A 33 29.01 -31.70 8.31
N VAL A 34 28.43 -31.22 7.21
CA VAL A 34 28.85 -31.56 5.85
C VAL A 34 28.90 -30.30 4.99
N LEU A 35 29.53 -30.45 3.83
CA LEU A 35 29.64 -29.41 2.83
C LEU A 35 29.71 -30.12 1.48
N LEU A 36 29.16 -29.45 0.47
CA LEU A 36 29.15 -29.96 -0.91
C LEU A 36 30.43 -29.56 -1.67
N VAL A 37 31.00 -30.52 -2.38
CA VAL A 37 32.27 -30.31 -3.06
C VAL A 37 32.02 -29.61 -4.39
N PRO A 38 32.77 -28.57 -4.76
CA PRO A 38 32.71 -28.09 -6.14
C PRO A 38 33.25 -29.14 -7.11
N ALA A 39 32.52 -29.35 -8.21
CA ALA A 39 33.03 -30.19 -9.29
C ALA A 39 32.99 -29.41 -10.60
N HIS A 40 33.61 -30.01 -11.63
CA HIS A 40 33.46 -29.59 -13.02
C HIS A 40 32.01 -29.25 -13.31
N SER A 41 31.81 -28.10 -13.94
CA SER A 41 30.49 -27.54 -14.16
C SER A 41 30.41 -26.88 -15.51
N THR A 42 29.40 -27.30 -16.27
CA THR A 42 28.95 -26.62 -17.47
C THR A 42 27.58 -25.99 -17.26
N VAL A 43 27.17 -25.83 -16.00
CA VAL A 43 25.84 -25.34 -15.65
C VAL A 43 25.93 -23.94 -15.06
N LEU A 44 25.10 -23.00 -15.60
CA LEU A 44 24.84 -21.69 -15.03
C LEU A 44 23.59 -21.74 -14.14
N PRO A 45 23.47 -20.83 -13.17
CA PRO A 45 22.21 -20.74 -12.39
C PRO A 45 20.94 -20.69 -13.22
N ASN A 46 20.90 -19.83 -14.24
CA ASN A 46 19.76 -19.72 -15.15
C ASN A 46 19.47 -21.03 -15.88
N THR A 47 20.45 -21.92 -16.01
CA THR A 47 20.30 -23.15 -16.78
C THR A 47 19.59 -24.26 -15.99
N ALA A 48 19.85 -24.35 -14.68
CA ALA A 48 19.57 -25.58 -13.95
C ALA A 48 18.09 -25.96 -13.96
N ASP A 49 17.82 -27.25 -14.16
CA ASP A 49 16.48 -27.79 -14.22
C ASP A 49 16.04 -28.26 -12.83
N LEU A 50 15.12 -27.52 -12.21
CA LEU A 50 14.70 -27.78 -10.84
C LEU A 50 13.62 -28.87 -10.74
N SER A 51 13.24 -29.49 -11.84
CA SER A 51 12.13 -30.43 -11.75
C SER A 51 12.56 -31.79 -11.21
N THR A 52 11.62 -32.46 -10.56
CA THR A 52 11.90 -33.70 -9.87
C THR A 52 10.59 -34.45 -9.67
N GLN A 53 10.66 -35.78 -9.62
CA GLN A 53 9.48 -36.64 -9.54
C GLN A 53 9.14 -36.86 -8.07
N LEU A 54 8.10 -36.18 -7.60
CA LEU A 54 7.55 -36.48 -6.28
C LEU A 54 7.27 -37.97 -6.13
N THR A 55 6.40 -38.50 -7.00
CA THR A 55 6.06 -39.90 -7.09
C THR A 55 6.20 -40.33 -8.54
N LYS A 56 5.75 -41.54 -8.89
CA LYS A 56 5.90 -41.99 -10.27
C LYS A 56 4.86 -41.38 -11.20
N THR A 57 3.77 -40.82 -10.67
CA THR A 57 2.78 -40.11 -11.46
C THR A 57 2.93 -38.59 -11.39
N ILE A 58 3.61 -38.06 -10.38
CA ILE A 58 3.59 -36.63 -10.09
C ILE A 58 5.01 -36.09 -10.18
N ARG A 59 5.22 -35.11 -11.06
CA ARG A 59 6.48 -34.40 -11.20
C ARG A 59 6.24 -32.94 -10.83
N LEU A 60 7.16 -32.38 -10.04
CA LEU A 60 7.17 -31.01 -9.59
C LEU A 60 8.11 -30.18 -10.47
N ASN A 61 7.94 -28.86 -10.41
CA ASN A 61 8.78 -27.95 -11.18
C ASN A 61 9.79 -27.21 -10.32
N ILE A 62 9.59 -27.23 -9.01
CA ILE A 62 10.58 -26.83 -8.01
C ILE A 62 10.47 -27.86 -6.90
N PRO A 63 11.58 -28.29 -6.28
CA PRO A 63 11.53 -29.45 -5.38
C PRO A 63 11.07 -29.12 -3.97
N MET A 64 9.93 -28.42 -3.88
CA MET A 64 9.47 -27.90 -2.59
C MET A 64 8.02 -28.23 -2.28
N LEU A 65 7.81 -28.65 -1.03
CA LEU A 65 6.51 -28.95 -0.45
C LEU A 65 6.22 -28.03 0.73
N SER A 66 4.94 -27.74 0.93
CA SER A 66 4.46 -27.02 2.11
C SER A 66 3.99 -28.00 3.17
N ALA A 67 4.37 -27.76 4.42
CA ALA A 67 3.98 -28.65 5.51
C ALA A 67 2.48 -28.54 5.81
N ALA A 68 1.94 -29.60 6.42
CA ALA A 68 0.51 -29.66 6.76
C ALA A 68 0.28 -29.08 8.16
N MET A 69 0.34 -27.75 8.24
CA MET A 69 0.34 -27.01 9.49
C MET A 69 -0.69 -25.88 9.44
N ASP A 70 -1.42 -25.69 10.55
CA ASP A 70 -2.50 -24.69 10.62
C ASP A 70 -2.01 -23.27 10.37
N THR A 71 -0.73 -23.01 10.53
CA THR A 71 -0.17 -21.67 10.34
C THR A 71 0.69 -21.58 9.09
N VAL A 72 0.62 -22.58 8.20
CA VAL A 72 1.52 -22.66 7.06
C VAL A 72 0.71 -22.78 5.77
N THR A 73 -0.02 -23.88 5.58
CA THR A 73 -0.66 -24.17 4.30
C THR A 73 -2.17 -24.33 4.47
N GLU A 74 -2.94 -23.48 3.79
CA GLU A 74 -4.32 -23.83 3.49
C GLU A 74 -4.59 -23.54 2.02
N ALA A 75 -5.86 -23.51 1.60
CA ALA A 75 -6.18 -23.38 0.18
C ALA A 75 -5.40 -22.22 -0.47
N ARG A 76 -5.39 -21.05 0.19
CA ARG A 76 -4.70 -19.89 -0.37
C ARG A 76 -3.23 -20.18 -0.63
N LEU A 77 -2.55 -20.80 0.33
CA LEU A 77 -1.12 -21.06 0.14
C LEU A 77 -0.91 -22.23 -0.80
N ALA A 78 -1.75 -23.27 -0.69
CA ALA A 78 -1.59 -24.41 -1.57
C ALA A 78 -1.75 -24.03 -3.04
N ILE A 79 -2.46 -22.93 -3.34
CA ILE A 79 -2.54 -22.44 -4.71
C ILE A 79 -1.27 -21.66 -5.09
N ALA A 80 -0.73 -20.91 -4.13
CA ALA A 80 0.48 -20.13 -4.42
C ALA A 80 1.70 -21.03 -4.61
N LEU A 81 1.87 -22.02 -3.72
CA LEU A 81 2.96 -22.97 -3.91
C LEU A 81 2.88 -23.61 -5.27
N ALA A 82 1.69 -24.07 -5.65
CA ALA A 82 1.48 -24.70 -6.96
C ALA A 82 1.86 -23.75 -8.09
N GLN A 83 1.53 -22.46 -7.96
CA GLN A 83 1.88 -21.50 -9.00
C GLN A 83 3.38 -21.26 -9.08
N GLU A 84 4.12 -21.52 -8.01
CA GLU A 84 5.58 -21.42 -8.05
C GLU A 84 6.23 -22.70 -8.55
N GLY A 85 5.48 -23.80 -8.59
CA GLY A 85 5.95 -25.08 -9.08
C GLY A 85 5.82 -26.25 -8.13
N GLY A 86 5.37 -26.05 -6.88
CA GLY A 86 5.39 -27.09 -5.87
C GLY A 86 4.01 -27.63 -5.55
N ILE A 87 3.90 -28.25 -4.39
CA ILE A 87 2.62 -28.72 -3.86
C ILE A 87 2.60 -28.36 -2.38
N GLY A 88 1.48 -27.80 -1.91
CA GLY A 88 1.21 -27.66 -0.50
C GLY A 88 0.24 -28.72 -0.05
N PHE A 89 0.18 -28.92 1.27
CA PHE A 89 -0.66 -29.97 1.87
C PHE A 89 -1.62 -29.35 2.88
N ILE A 90 -2.92 -29.56 2.66
CA ILE A 90 -3.93 -29.00 3.53
C ILE A 90 -3.92 -29.74 4.87
N HIS A 91 -3.85 -28.98 5.96
CA HIS A 91 -3.78 -29.59 7.28
C HIS A 91 -5.11 -30.29 7.61
N LYS A 92 -5.07 -31.10 8.67
CA LYS A 92 -6.20 -31.92 9.11
C LYS A 92 -6.83 -31.39 10.41
N ASN A 93 -6.70 -30.09 10.66
CA ASN A 93 -7.32 -29.44 11.82
C ASN A 93 -8.65 -28.80 11.43
N MET A 94 -9.54 -29.63 10.91
CA MET A 94 -10.80 -29.17 10.32
C MET A 94 -11.80 -30.30 10.32
N SER A 95 -13.07 -29.95 10.15
CA SER A 95 -14.03 -30.99 9.82
C SER A 95 -13.63 -31.60 8.48
N ILE A 96 -13.87 -32.91 8.36
CA ILE A 96 -13.63 -33.62 7.11
C ILE A 96 -14.23 -32.87 5.92
N GLU A 97 -15.45 -32.35 6.06
CA GLU A 97 -16.11 -31.66 4.96
C GLU A 97 -15.41 -30.35 4.61
N ARG A 98 -14.94 -29.61 5.59
CA ARG A 98 -14.29 -28.34 5.33
C ARG A 98 -13.00 -28.50 4.61
N GLN A 99 -12.29 -29.56 4.90
CA GLN A 99 -11.03 -29.82 4.22
C GLN A 99 -11.25 -30.18 2.74
N ALA A 100 -12.31 -30.96 2.46
CA ALA A 100 -12.62 -31.31 1.08
C ALA A 100 -12.81 -30.06 0.25
N GLU A 101 -13.43 -29.02 0.84
CA GLU A 101 -13.66 -27.81 0.08
C GLU A 101 -12.37 -27.03 -0.13
N GLU A 102 -11.47 -27.04 0.87
CA GLU A 102 -10.12 -26.52 0.69
C GLU A 102 -9.47 -27.16 -0.52
N VAL A 103 -9.37 -28.48 -0.50
CA VAL A 103 -8.76 -29.23 -1.60
C VAL A 103 -9.50 -28.97 -2.90
N ARG A 104 -10.83 -29.05 -2.86
CA ARG A 104 -11.63 -28.71 -4.02
C ARG A 104 -11.37 -27.28 -4.47
N ARG A 105 -11.15 -26.36 -3.53
CA ARG A 105 -10.91 -24.97 -3.91
C ARG A 105 -9.62 -24.83 -4.72
N VAL A 106 -8.54 -25.52 -4.29
CA VAL A 106 -7.29 -25.51 -5.04
C VAL A 106 -7.49 -26.05 -6.44
N LYS A 107 -8.11 -27.23 -6.52
CA LYS A 107 -8.36 -27.93 -7.77
C LYS A 107 -9.10 -27.10 -8.82
N LYS A 108 -9.86 -26.06 -8.42
CA LYS A 108 -10.66 -25.27 -9.35
C LYS A 108 -9.90 -24.07 -9.94
N HIS A 109 -8.55 -24.13 -9.99
CA HIS A 109 -7.69 -23.16 -10.65
C HIS A 109 -6.93 -23.86 -11.77
N GLU A 110 -7.10 -23.39 -13.00
CA GLU A 110 -6.31 -23.98 -14.07
C GLU A 110 -5.02 -23.16 -14.24
N SER A 111 -4.67 -22.83 -15.48
CA SER A 111 -3.56 -21.92 -15.74
C SER A 111 -3.88 -20.55 -15.15
N ALA A 112 -4.88 -19.87 -15.73
CA ALA A 112 -5.36 -18.59 -15.24
C ALA A 112 -6.87 -18.52 -15.13
N ILE A 113 -7.60 -19.47 -15.71
CA ILE A 113 -9.05 -19.54 -15.57
C ILE A 113 -9.40 -19.91 -14.13
N VAL A 114 -10.58 -19.47 -13.67
CA VAL A 114 -11.05 -19.77 -12.33
C VAL A 114 -12.47 -20.31 -12.47
N ARG A 115 -12.62 -21.63 -12.34
CA ARG A 115 -13.93 -22.27 -12.44
C ARG A 115 -14.75 -21.99 -11.19
N ASP A 116 -16.06 -22.20 -11.32
CA ASP A 116 -17.03 -21.96 -10.25
C ASP A 116 -16.73 -20.65 -9.51
N PRO A 117 -16.50 -19.52 -10.18
CA PRO A 117 -16.26 -18.27 -9.46
C PRO A 117 -17.48 -17.84 -8.67
N VAL A 118 -17.27 -17.01 -7.66
CA VAL A 118 -18.39 -16.54 -6.86
C VAL A 118 -19.27 -15.62 -7.69
N THR A 119 -20.59 -15.89 -7.68
CA THR A 119 -21.52 -15.11 -8.47
C THR A 119 -22.41 -14.27 -7.56
N VAL A 120 -23.34 -13.54 -8.18
CA VAL A 120 -24.28 -12.73 -7.43
C VAL A 120 -25.59 -12.68 -8.22
N THR A 121 -26.72 -12.55 -7.49
CA THR A 121 -27.96 -12.61 -8.26
C THR A 121 -28.52 -11.21 -8.46
N PRO A 122 -29.15 -10.90 -9.61
CA PRO A 122 -29.65 -9.53 -9.85
C PRO A 122 -30.60 -9.02 -8.77
N SER A 123 -31.03 -9.87 -7.83
CA SER A 123 -31.76 -9.42 -6.66
C SER A 123 -30.84 -8.70 -5.68
N THR A 124 -29.67 -9.29 -5.41
CA THR A 124 -28.77 -8.94 -4.31
C THR A 124 -28.73 -7.43 -4.08
N LYS A 125 -28.86 -7.04 -2.82
CA LYS A 125 -28.88 -5.62 -2.49
C LYS A 125 -27.43 -5.12 -2.47
N ILE A 126 -27.20 -3.88 -2.87
CA ILE A 126 -25.82 -3.45 -2.88
C ILE A 126 -25.27 -3.33 -1.47
N ILE A 127 -26.11 -2.99 -0.50
CA ILE A 127 -25.62 -2.97 0.88
C ILE A 127 -25.13 -4.37 1.27
N GLU A 128 -25.64 -5.41 0.63
CA GLU A 128 -25.13 -6.76 0.81
C GLU A 128 -24.02 -7.10 -0.17
N LEU A 129 -24.04 -6.45 -1.34
CA LEU A 129 -22.94 -6.61 -2.27
C LEU A 129 -21.64 -6.04 -1.71
N LEU A 130 -21.68 -4.84 -1.12
CA LEU A 130 -20.46 -4.32 -0.51
C LEU A 130 -20.15 -5.07 0.79
N GLN A 131 -21.19 -5.53 1.48
CA GLN A 131 -21.02 -6.57 2.49
C GLN A 131 -20.28 -7.77 1.93
N MET A 132 -20.65 -8.19 0.71
CA MET A 132 -19.97 -9.27 0.00
C MET A 132 -18.61 -8.86 -0.51
N ALA A 133 -18.06 -7.69 -0.22
CA ALA A 133 -16.76 -7.33 -0.78
C ALA A 133 -15.62 -7.49 0.21
N ARG A 134 -15.81 -7.03 1.43
CA ARG A 134 -14.80 -6.96 2.47
C ARG A 134 -14.34 -8.35 2.97
N GLU A 135 -14.72 -9.48 2.39
CA GLU A 135 -14.45 -10.75 3.03
C GLU A 135 -13.88 -11.78 2.06
N TYR A 136 -14.28 -11.72 0.80
CA TYR A 136 -13.55 -12.46 -0.23
C TYR A 136 -12.38 -11.66 -0.76
N GLY A 137 -12.37 -10.35 -0.55
CA GLY A 137 -11.29 -9.52 -1.01
C GLY A 137 -11.62 -8.71 -2.25
N PHE A 138 -12.31 -9.32 -3.21
CA PHE A 138 -12.52 -8.71 -4.51
C PHE A 138 -13.93 -8.15 -4.66
N SER A 139 -14.14 -7.44 -5.77
CA SER A 139 -15.44 -6.83 -6.05
C SER A 139 -16.05 -7.22 -7.39
N GLY A 140 -15.36 -8.04 -8.18
CA GLY A 140 -15.94 -8.44 -9.45
C GLY A 140 -16.68 -9.75 -9.36
N PHE A 141 -18.00 -9.71 -9.38
CA PHE A 141 -18.81 -10.92 -9.36
C PHE A 141 -19.63 -11.02 -10.64
N PRO A 142 -19.59 -12.16 -11.34
CA PRO A 142 -20.54 -12.37 -12.43
C PRO A 142 -21.95 -12.39 -11.84
N VAL A 143 -22.89 -11.84 -12.59
CA VAL A 143 -24.28 -11.86 -12.16
C VAL A 143 -24.96 -13.00 -12.90
N VAL A 144 -25.50 -13.94 -12.13
CA VAL A 144 -26.21 -15.11 -12.65
C VAL A 144 -27.60 -15.10 -12.06
N GLU A 145 -28.62 -15.30 -12.90
CA GLU A 145 -30.00 -15.50 -12.46
C GLU A 145 -30.42 -16.92 -12.81
N GLN A 146 -30.39 -17.80 -11.80
CA GLN A 146 -30.78 -19.22 -11.87
C GLN A 146 -30.27 -19.88 -13.14
N GLY A 147 -28.94 -19.90 -13.29
CA GLY A 147 -28.32 -20.59 -14.39
C GLY A 147 -27.81 -19.67 -15.48
N GLU A 148 -28.64 -18.72 -15.92
CA GLU A 148 -28.25 -17.84 -17.01
C GLU A 148 -27.35 -16.70 -16.50
N LEU A 149 -26.47 -16.22 -17.38
CA LEU A 149 -25.53 -15.13 -17.05
C LEU A 149 -26.08 -13.83 -17.60
N VAL A 150 -26.32 -12.87 -16.70
CA VAL A 150 -27.14 -11.70 -17.02
C VAL A 150 -26.38 -10.38 -16.88
N GLY A 151 -25.23 -10.36 -16.22
CA GLY A 151 -24.47 -9.13 -16.15
C GLY A 151 -23.13 -9.29 -15.46
N ILE A 152 -22.63 -8.21 -14.88
CA ILE A 152 -21.39 -8.21 -14.12
C ILE A 152 -21.33 -6.91 -13.32
N VAL A 153 -20.94 -7.00 -12.06
CA VAL A 153 -20.70 -5.83 -11.21
C VAL A 153 -19.25 -5.87 -10.77
N THR A 154 -18.59 -4.73 -10.84
CA THR A 154 -17.23 -4.53 -10.36
C THR A 154 -17.23 -3.31 -9.47
N GLY A 155 -16.11 -3.07 -8.78
CA GLY A 155 -16.05 -1.96 -7.84
C GLY A 155 -16.44 -0.62 -8.43
N ARG A 156 -16.36 -0.49 -9.76
CA ARG A 156 -16.65 0.77 -10.46
C ARG A 156 -18.11 1.13 -10.38
N ASP A 157 -18.97 0.14 -10.64
CA ASP A 157 -20.42 0.28 -10.57
C ASP A 157 -20.89 0.58 -9.16
N LEU A 158 -20.12 0.21 -8.15
CA LEU A 158 -20.48 0.36 -6.74
C LEU A 158 -20.22 1.76 -6.21
N ARG A 159 -19.32 2.47 -6.87
CA ARG A 159 -18.90 3.78 -6.43
C ARG A 159 -19.96 4.77 -6.04
N VAL A 160 -21.09 4.75 -6.71
CA VAL A 160 -22.13 5.68 -6.34
C VAL A 160 -23.41 4.93 -6.11
N LYS A 161 -24.11 5.28 -5.03
CA LYS A 161 -25.38 4.66 -4.71
C LYS A 161 -26.32 4.97 -5.87
N PRO A 162 -27.06 3.97 -6.37
CA PRO A 162 -27.94 4.21 -7.52
C PRO A 162 -28.95 5.28 -7.18
N ASN A 163 -29.54 5.19 -5.98
CA ASN A 163 -30.49 6.16 -5.48
C ASN A 163 -30.71 5.95 -3.97
N GLY A 165 -33.43 1.58 -1.13
CA GLY A 165 -32.16 1.07 -1.60
C GLY A 165 -32.34 -0.02 -2.63
N ASP A 166 -31.82 0.20 -3.83
CA ASP A 166 -31.96 -0.79 -4.89
C ASP A 166 -30.92 -1.87 -4.83
N THR A 167 -30.96 -2.74 -5.82
CA THR A 167 -30.08 -3.88 -5.89
C THR A 167 -29.02 -3.83 -6.97
N VAL A 168 -28.37 -4.95 -7.14
CA VAL A 168 -27.24 -5.15 -8.05
C VAL A 168 -27.71 -5.01 -9.49
N ALA A 169 -28.96 -5.36 -9.78
CA ALA A 169 -29.48 -5.18 -11.13
C ALA A 169 -29.42 -3.73 -11.59
N ALA A 170 -29.35 -2.77 -10.65
CA ALA A 170 -29.38 -1.35 -10.99
C ALA A 170 -27.99 -0.71 -11.08
N ILE A 171 -26.91 -1.47 -10.85
CA ILE A 171 -25.57 -0.96 -11.08
C ILE A 171 -24.81 -1.76 -12.13
N MET A 172 -25.28 -2.94 -12.49
CA MET A 172 -24.49 -3.89 -13.27
C MET A 172 -24.37 -3.52 -14.74
N THR A 173 -23.22 -3.87 -15.31
CA THR A 173 -23.07 -3.91 -16.76
C THR A 173 -23.98 -5.01 -17.31
N PRO A 174 -24.87 -4.70 -18.25
CA PRO A 174 -25.92 -5.66 -18.63
C PRO A 174 -25.49 -6.64 -19.71
N LYS A 175 -26.31 -7.70 -19.85
CA LYS A 175 -25.98 -8.82 -20.71
C LYS A 175 -25.61 -8.40 -22.14
N ASP A 176 -26.37 -7.47 -22.71
CA ASP A 176 -26.09 -7.00 -24.07
C ASP A 176 -24.79 -6.20 -24.17
N LYS A 177 -24.13 -5.91 -23.05
CA LYS A 177 -22.83 -5.24 -23.05
C LYS A 177 -21.71 -6.12 -22.49
N LEU A 178 -21.96 -7.41 -22.28
CA LEU A 178 -20.97 -8.32 -21.71
C LEU A 178 -19.95 -8.74 -22.76
N VAL A 179 -18.67 -8.56 -22.43
CA VAL A 179 -17.55 -9.05 -23.21
C VAL A 179 -17.19 -10.44 -22.69
N THR A 180 -17.29 -11.45 -23.55
CA THR A 180 -17.07 -12.83 -23.16
C THR A 180 -16.13 -13.48 -24.15
N ALA A 181 -15.66 -14.67 -23.79
CA ALA A 181 -14.92 -15.53 -24.69
C ALA A 181 -15.44 -16.95 -24.51
N ARG A 182 -15.46 -17.71 -25.60
CA ARG A 182 -15.90 -19.11 -25.53
C ARG A 182 -14.78 -19.93 -24.90
N GLU A 183 -15.16 -20.81 -23.97
CA GLU A 183 -14.21 -21.74 -23.37
C GLU A 183 -13.40 -22.45 -24.44
N GLY A 184 -12.11 -22.64 -24.18
CA GLY A 184 -11.20 -23.13 -25.19
C GLY A 184 -10.46 -22.04 -25.94
N THR A 185 -10.93 -20.79 -25.84
CA THR A 185 -10.21 -19.66 -26.42
C THR A 185 -8.83 -19.56 -25.80
N PRO A 186 -7.79 -19.31 -26.60
CA PRO A 186 -6.43 -19.25 -26.06
C PRO A 186 -6.27 -18.05 -25.14
N LEU A 187 -5.47 -18.25 -24.08
CA LEU A 187 -5.31 -17.22 -23.06
C LEU A 187 -4.74 -15.93 -23.64
N GLU A 188 -3.76 -16.03 -24.56
CA GLU A 188 -3.26 -14.83 -25.25
C GLU A 188 -4.37 -14.10 -25.98
N GLU A 189 -5.36 -14.84 -26.51
CA GLU A 189 -6.48 -14.21 -27.22
C GLU A 189 -7.36 -13.40 -26.26
N MET A 190 -7.88 -14.03 -25.22
CA MET A 190 -8.81 -13.30 -24.36
C MET A 190 -8.14 -12.19 -23.57
N LYS A 191 -6.81 -12.24 -23.41
CA LYS A 191 -6.07 -11.03 -23.00
C LYS A 191 -6.28 -9.90 -24.00
N ALA A 192 -6.14 -10.20 -25.31
CA ALA A 192 -6.21 -9.15 -26.32
C ALA A 192 -7.63 -8.61 -26.45
N LYS A 193 -8.63 -9.48 -26.32
CA LYS A 193 -9.98 -8.97 -26.14
C LYS A 193 -10.06 -8.04 -24.93
N LEU A 194 -9.39 -8.40 -23.82
CA LEU A 194 -9.48 -7.60 -22.61
C LEU A 194 -8.89 -6.22 -22.81
N TYR A 195 -7.70 -6.17 -23.41
CA TYR A 195 -7.10 -4.88 -23.70
C TYR A 195 -7.98 -4.07 -24.64
N GLU A 196 -8.55 -4.72 -25.65
CA GLU A 196 -9.29 -3.98 -26.67
C GLU A 196 -10.51 -3.31 -26.08
N ASN A 197 -11.21 -3.99 -25.16
CA ASN A 197 -12.32 -3.38 -24.45
C ASN A 197 -11.88 -2.52 -23.26
N ARG A 198 -10.62 -2.68 -22.80
CA ARG A 198 -10.08 -1.96 -21.64
C ARG A 198 -10.77 -2.33 -20.32
N ILE A 199 -11.16 -3.60 -20.16
CA ILE A 199 -11.93 -4.00 -18.99
C ILE A 199 -11.07 -4.89 -18.10
N GLU A 200 -11.30 -4.87 -16.76
CA GLU A 200 -10.37 -5.77 -16.04
C GLU A 200 -10.71 -7.27 -16.14
N LYS A 201 -11.97 -7.65 -16.29
CA LYS A 201 -12.37 -9.05 -16.21
C LYS A 201 -12.91 -9.71 -17.48
N MET A 202 -12.63 -10.98 -17.66
CA MET A 202 -13.05 -11.70 -18.85
C MET A 202 -14.02 -12.80 -18.44
N LEU A 203 -15.16 -12.87 -19.09
CA LEU A 203 -16.12 -13.93 -18.80
C LEU A 203 -15.94 -15.05 -19.83
N VAL A 204 -15.76 -16.28 -19.34
CA VAL A 204 -15.63 -17.46 -20.18
C VAL A 204 -16.94 -18.26 -20.12
N VAL A 205 -17.49 -18.61 -21.30
CA VAL A 205 -18.84 -19.14 -21.43
C VAL A 205 -18.85 -20.31 -22.41
N ASP A 206 -19.82 -21.22 -22.23
CA ASP A 206 -19.97 -22.38 -23.10
C ASP A 206 -20.84 -22.02 -24.32
N GLU A 207 -21.20 -23.03 -25.11
CA GLU A 207 -21.93 -22.72 -26.34
C GLU A 207 -23.36 -22.28 -26.07
N ASN A 208 -23.84 -22.38 -24.82
CA ASN A 208 -25.16 -21.93 -24.40
C ASN A 208 -25.14 -20.64 -23.58
N PHE A 209 -24.01 -19.92 -23.57
CA PHE A 209 -23.87 -18.73 -22.75
C PHE A 209 -24.07 -19.03 -21.25
N TYR A 210 -23.46 -20.13 -20.80
CA TYR A 210 -23.45 -20.51 -19.39
C TYR A 210 -22.05 -20.31 -18.83
N LEU A 211 -21.97 -19.91 -17.57
CA LEU A 211 -20.71 -19.42 -17.00
C LEU A 211 -19.75 -20.56 -16.69
N ARG A 212 -18.74 -20.73 -17.55
CA ARG A 212 -17.70 -21.74 -17.32
C ARG A 212 -16.63 -21.29 -16.33
N GLY A 213 -16.34 -20.00 -16.25
CA GLY A 213 -15.39 -19.52 -15.28
C GLY A 213 -15.05 -18.06 -15.53
N LEU A 214 -14.21 -17.53 -14.64
CA LEU A 214 -13.73 -16.16 -14.69
C LEU A 214 -12.22 -16.13 -14.86
N VAL A 215 -11.75 -15.27 -15.75
CA VAL A 215 -10.33 -15.03 -15.94
C VAL A 215 -10.12 -13.53 -15.92
N THR A 216 -9.26 -13.07 -15.01
CA THR A 216 -8.93 -11.64 -14.85
C THR A 216 -7.66 -11.29 -15.66
N PHE A 217 -7.44 -9.99 -15.82
CA PHE A 217 -6.18 -9.56 -16.45
C PHE A 217 -4.99 -9.90 -15.55
N ARG A 218 -5.13 -9.67 -14.25
CA ARG A 218 -4.06 -9.95 -13.31
C ARG A 218 -3.54 -11.38 -13.43
N ASP A 219 -4.46 -12.35 -13.55
CA ASP A 219 -4.05 -13.75 -13.65
C ASP A 219 -3.19 -14.03 -14.87
N ILE A 220 -3.61 -13.52 -16.05
CA ILE A 220 -2.86 -13.81 -17.28
C ILE A 220 -1.44 -13.29 -17.17
N GLU A 221 -1.25 -12.15 -16.49
CA GLU A 221 0.08 -11.60 -16.33
C GLU A 221 0.91 -12.41 -15.36
N LYS A 222 0.27 -13.02 -14.35
CA LYS A 222 0.94 -13.92 -13.44
C LYS A 222 1.04 -15.34 -13.99
N ALA A 223 0.65 -15.54 -15.25
CA ALA A 223 0.78 -16.82 -15.93
C ALA A 223 1.82 -16.78 -17.05
N GLU A 224 2.23 -15.58 -17.48
CA GLU A 224 3.44 -15.40 -18.27
C GLU A 224 4.67 -15.25 -17.37
N ARG A 225 4.51 -14.63 -16.21
CA ARG A 225 5.61 -14.45 -15.28
C ARG A 225 5.82 -15.64 -14.36
N LYS A 226 4.87 -16.58 -14.33
CA LYS A 226 4.98 -17.81 -13.55
C LYS A 226 4.57 -19.00 -14.43
N PRO A 227 5.31 -19.25 -15.50
CA PRO A 227 4.97 -20.36 -16.42
C PRO A 227 5.25 -21.75 -15.89
N ASN A 228 5.59 -21.88 -14.61
CA ASN A 228 6.05 -23.14 -14.03
C ASN A 228 5.04 -23.70 -13.03
N ALA A 229 3.76 -23.59 -13.31
CA ALA A 229 2.76 -24.09 -12.37
C ALA A 229 2.70 -25.61 -12.44
N CYS A 230 2.63 -26.23 -11.26
CA CYS A 230 2.58 -27.68 -11.17
C CYS A 230 1.12 -28.07 -11.33
N LYS A 231 0.74 -28.39 -12.57
CA LYS A 231 -0.64 -28.64 -12.96
C LYS A 231 -0.87 -30.12 -13.22
N ASP A 232 -2.15 -30.42 -13.37
CA ASP A 232 -2.77 -31.74 -13.50
C ASP A 232 -3.06 -32.02 -14.99
N GLU A 233 -3.48 -33.25 -15.29
CA GLU A 233 -3.73 -33.64 -16.68
C GLU A 233 -4.90 -32.85 -17.30
N GLN A 234 -5.91 -32.50 -16.51
CA GLN A 234 -6.94 -31.57 -16.96
C GLN A 234 -6.49 -30.11 -16.89
N GLY A 235 -5.24 -29.85 -16.52
CA GLY A 235 -4.75 -28.50 -16.42
C GLY A 235 -4.95 -27.87 -15.07
N ARG A 236 -5.35 -28.63 -14.07
CA ARG A 236 -5.72 -28.09 -12.78
C ARG A 236 -4.51 -28.04 -11.84
N LEU A 237 -4.43 -26.96 -11.05
CA LEU A 237 -3.39 -26.88 -10.04
C LEU A 237 -3.45 -28.12 -9.16
N ARG A 238 -2.28 -28.57 -8.69
CA ARG A 238 -2.14 -29.81 -7.92
C ARG A 238 -2.13 -29.49 -6.44
N VAL A 239 -2.42 -30.52 -5.63
CA VAL A 239 -2.63 -30.33 -4.19
C VAL A 239 -2.66 -31.65 -3.43
N GLY A 240 -2.16 -31.62 -2.18
CA GLY A 240 -2.21 -32.75 -1.28
C GLY A 240 -2.92 -32.41 0.03
N ALA A 241 -3.24 -33.46 0.78
CA ALA A 241 -3.84 -33.29 2.09
C ALA A 241 -3.36 -34.38 3.02
N ALA A 242 -3.33 -34.07 4.32
CA ALA A 242 -2.89 -35.01 5.34
C ALA A 242 -4.04 -35.63 6.14
N VAL A 243 -3.97 -36.94 6.38
CA VAL A 243 -4.80 -37.62 7.37
C VAL A 243 -3.90 -38.13 8.51
N GLY A 244 -4.52 -38.34 9.67
CA GLY A 244 -3.81 -38.67 10.89
C GLY A 244 -4.32 -39.95 11.52
N ALA A 245 -4.00 -40.20 12.78
CA ALA A 245 -4.40 -41.45 13.42
C ALA A 245 -5.79 -41.41 14.02
N GLY A 246 -6.47 -40.26 13.93
CA GLY A 246 -7.73 -40.09 14.66
C GLY A 246 -8.77 -41.09 14.23
N ALA A 247 -9.77 -41.28 15.10
CA ALA A 247 -10.67 -42.43 15.05
C ALA A 247 -11.63 -42.33 13.86
N GLY A 248 -11.37 -41.43 12.93
CA GLY A 248 -12.18 -41.34 11.72
C GLY A 248 -11.31 -41.05 10.51
N ASN A 249 -10.12 -41.68 10.45
CA ASN A 249 -9.24 -41.42 9.32
C ASN A 249 -9.83 -41.93 8.02
N GLU A 250 -10.52 -43.08 8.08
CA GLU A 250 -11.09 -43.70 6.90
C GLU A 250 -11.95 -42.72 6.10
N GLU A 251 -12.90 -42.07 6.78
CA GLU A 251 -13.76 -41.12 6.08
C GLU A 251 -13.00 -39.88 5.64
N ARG A 252 -11.99 -39.46 6.39
CA ARG A 252 -11.15 -38.35 5.96
C ARG A 252 -10.46 -38.68 4.64
N VAL A 253 -9.95 -39.90 4.52
CA VAL A 253 -9.34 -40.35 3.27
C VAL A 253 -10.30 -40.17 2.10
N ASP A 254 -11.50 -40.74 2.22
CA ASP A 254 -12.45 -40.77 1.11
C ASP A 254 -12.92 -39.38 0.71
N ALA A 255 -13.19 -38.52 1.69
CA ALA A 255 -13.56 -37.14 1.40
C ALA A 255 -12.56 -36.50 0.45
N LEU A 256 -11.27 -36.68 0.74
CA LEU A 256 -10.23 -36.04 -0.06
C LEU A 256 -10.08 -36.71 -1.42
N VAL A 257 -10.14 -38.05 -1.46
CA VAL A 257 -10.09 -38.75 -2.74
C VAL A 257 -11.21 -38.26 -3.66
N ALA A 258 -12.45 -38.18 -3.13
CA ALA A 258 -13.59 -37.76 -3.94
C ALA A 258 -13.52 -36.27 -4.29
N ALA A 259 -13.02 -35.44 -3.36
CA ALA A 259 -12.77 -34.01 -3.61
C ALA A 259 -11.64 -33.78 -4.59
N GLY A 260 -10.98 -34.86 -5.05
CA GLY A 260 -10.00 -34.82 -6.13
C GLY A 260 -8.58 -34.43 -5.77
N VAL A 261 -8.10 -34.86 -4.60
CA VAL A 261 -6.75 -34.55 -4.13
C VAL A 261 -5.72 -35.30 -4.98
N ASP A 262 -4.57 -34.67 -5.27
CA ASP A 262 -3.56 -35.37 -6.08
C ASP A 262 -2.77 -36.40 -5.26
N VAL A 263 -2.36 -36.03 -4.06
CA VAL A 263 -1.55 -36.93 -3.26
C VAL A 263 -2.09 -36.93 -1.83
N LEU A 264 -2.08 -38.10 -1.21
CA LEU A 264 -2.48 -38.26 0.17
C LEU A 264 -1.24 -38.52 1.03
N LEU A 265 -1.13 -37.78 2.13
CA LEU A 265 -0.02 -37.90 3.07
C LEU A 265 -0.58 -38.47 4.35
N ILE A 266 -0.37 -39.77 4.56
CA ILE A 266 -0.50 -40.35 5.89
C ILE A 266 0.72 -39.92 6.69
N ASP A 267 0.50 -39.02 7.64
CA ASP A 267 1.58 -38.30 8.32
C ASP A 267 1.61 -38.68 9.79
N SER A 268 2.79 -38.99 10.29
CA SER A 268 2.94 -39.56 11.61
C SER A 268 4.17 -38.97 12.31
N SER A 269 4.05 -38.71 13.61
CA SER A 269 5.26 -38.43 14.39
C SER A 269 6.19 -39.63 14.31
N HIS A 270 5.65 -40.83 14.09
CA HIS A 270 6.42 -42.08 14.08
C HIS A 270 5.74 -43.06 13.12
N GLY A 271 6.14 -43.00 11.85
CA GLY A 271 5.51 -43.82 10.85
C GLY A 271 5.92 -45.27 10.84
N HIS A 272 6.91 -45.64 11.64
CA HIS A 272 7.24 -47.05 11.77
C HIS A 272 6.34 -47.66 12.82
N SER A 273 5.13 -47.15 12.94
CA SER A 273 4.11 -47.72 13.81
C SER A 273 3.31 -48.78 13.07
N GLU A 274 2.70 -49.68 13.84
CA GLU A 274 1.73 -50.59 13.24
C GLU A 274 0.40 -49.91 12.99
N GLY A 275 0.15 -48.74 13.57
CA GLY A 275 -1.09 -48.01 13.32
C GLY A 275 -1.10 -47.33 11.96
N VAL A 276 0.03 -46.73 11.61
CA VAL A 276 0.20 -46.09 10.31
C VAL A 276 0.29 -47.15 9.22
N LEU A 277 1.34 -48.00 9.28
CA LEU A 277 1.45 -49.13 8.36
C LEU A 277 0.11 -49.77 8.05
N GLN A 278 -0.68 -50.01 9.10
CA GLN A 278 -2.07 -50.42 8.97
C GLN A 278 -2.77 -49.52 7.97
N ARG A 279 -2.97 -48.26 8.36
CA ARG A 279 -3.66 -47.30 7.51
C ARG A 279 -3.08 -47.26 6.09
N ILE A 280 -1.75 -47.24 5.94
CA ILE A 280 -1.16 -47.24 4.60
C ILE A 280 -1.64 -48.45 3.80
N ARG A 281 -1.58 -49.65 4.41
CA ARG A 281 -2.02 -50.85 3.69
C ARG A 281 -3.52 -50.81 3.39
N GLU A 282 -4.33 -50.40 4.37
CA GLU A 282 -5.77 -50.37 4.17
C GLU A 282 -6.17 -49.39 3.05
N THR A 283 -5.44 -48.28 2.92
CA THR A 283 -5.78 -47.28 1.91
C THR A 283 -5.36 -47.71 0.51
N ARG A 284 -4.12 -48.17 0.35
CA ARG A 284 -3.66 -48.68 -0.94
C ARG A 284 -4.57 -49.82 -1.43
N ALA A 285 -5.17 -50.57 -0.51
CA ALA A 285 -6.17 -51.57 -0.89
C ALA A 285 -7.39 -50.92 -1.52
N LYS A 286 -8.03 -50.02 -0.76
CA LYS A 286 -9.22 -49.32 -1.21
C LYS A 286 -8.96 -48.41 -2.41
N TYR A 287 -7.71 -48.08 -2.72
CA TYR A 287 -7.40 -47.11 -3.77
C TYR A 287 -6.10 -47.47 -4.46
N PRO A 288 -6.10 -48.52 -5.29
CA PRO A 288 -4.85 -48.94 -5.95
C PRO A 288 -4.15 -47.82 -6.70
N ASP A 289 -4.82 -46.69 -6.85
CA ASP A 289 -4.55 -45.64 -7.82
C ASP A 289 -3.86 -44.44 -7.21
N LEU A 290 -4.02 -44.25 -5.90
CA LEU A 290 -3.82 -42.96 -5.23
C LEU A 290 -2.37 -42.83 -4.81
N GLN A 291 -1.75 -41.72 -5.23
CA GLN A 291 -0.38 -41.39 -4.84
C GLN A 291 -0.33 -41.08 -3.34
N ILE A 292 0.47 -41.85 -2.59
CA ILE A 292 0.47 -41.86 -1.14
C ILE A 292 1.86 -41.46 -0.63
N ILE A 293 1.92 -40.53 0.31
CA ILE A 293 3.17 -40.20 1.00
C ILE A 293 3.01 -40.63 2.44
N GLY A 294 3.90 -41.51 2.90
CA GLY A 294 3.92 -41.94 4.29
C GLY A 294 5.16 -41.43 5.01
N GLY A 295 5.00 -41.02 6.27
CA GLY A 295 6.12 -40.55 7.07
C GLY A 295 5.67 -40.29 8.49
N ASN A 296 6.63 -39.93 9.35
CA ASN A 296 8.05 -39.80 9.03
C ASN A 296 8.85 -40.99 9.55
N VAL A 297 9.89 -41.37 8.82
CA VAL A 297 10.85 -42.35 9.32
C VAL A 297 12.21 -41.69 9.47
N ALA A 298 13.19 -42.50 9.85
CA ALA A 298 14.58 -42.01 9.91
C ALA A 298 15.54 -43.19 9.80
N THR A 299 15.08 -44.33 9.31
CA THR A 299 15.83 -45.59 9.30
C THR A 299 15.54 -46.31 7.98
N ALA A 300 16.49 -47.16 7.56
CA ALA A 300 16.27 -48.02 6.41
C ALA A 300 15.06 -48.91 6.61
N ALA A 301 15.02 -49.66 7.70
CA ALA A 301 13.92 -50.58 7.92
C ALA A 301 12.61 -49.83 8.04
N GLY A 302 12.66 -48.60 8.57
CA GLY A 302 11.46 -47.76 8.55
C GLY A 302 11.00 -47.43 7.14
N ALA A 303 11.97 -47.14 6.25
CA ALA A 303 11.66 -46.83 4.85
C ALA A 303 11.10 -48.05 4.13
N ARG A 304 11.64 -49.23 4.41
CA ARG A 304 11.13 -50.44 3.79
C ARG A 304 9.69 -50.69 4.22
N ALA A 305 9.41 -50.57 5.52
CA ALA A 305 8.05 -50.75 6.02
C ALA A 305 7.05 -49.90 5.24
N LEU A 306 7.30 -48.58 5.16
CA LEU A 306 6.40 -47.69 4.44
C LEU A 306 6.32 -48.06 2.96
N ALA A 307 7.45 -48.37 2.33
CA ALA A 307 7.40 -48.79 0.93
C ALA A 307 6.55 -50.05 0.78
N GLU A 308 6.92 -51.11 1.49
CA GLU A 308 6.25 -52.40 1.30
C GLU A 308 4.75 -52.31 1.64
N ALA A 309 4.41 -51.48 2.63
CA ALA A 309 3.01 -51.18 2.91
C ALA A 309 2.29 -50.50 1.76
N GLY A 310 3.01 -50.11 0.71
CA GLY A 310 2.40 -49.44 -0.41
C GLY A 310 2.38 -47.93 -0.27
N CYS A 311 3.56 -47.29 -0.35
CA CYS A 311 3.67 -45.83 -0.42
C CYS A 311 4.30 -45.47 -1.75
N SER A 312 3.92 -44.29 -2.26
CA SER A 312 4.56 -43.71 -3.43
C SER A 312 5.84 -42.95 -3.07
N ALA A 313 5.83 -42.24 -1.94
CA ALA A 313 6.94 -41.44 -1.46
C ALA A 313 7.01 -41.53 0.06
N VAL A 314 8.23 -41.67 0.60
CA VAL A 314 8.48 -41.71 2.03
C VAL A 314 8.95 -40.33 2.48
N LYS A 315 8.36 -39.79 3.53
CA LYS A 315 8.86 -38.57 4.15
C LYS A 315 9.79 -38.92 5.32
N VAL A 316 10.96 -38.28 5.36
CA VAL A 316 11.97 -38.58 6.37
C VAL A 316 12.20 -37.34 7.23
N GLY A 317 12.49 -37.58 8.50
CA GLY A 317 12.71 -36.53 9.46
C GLY A 317 12.07 -36.84 10.79
N ILE A 318 12.85 -37.43 11.70
CA ILE A 318 12.46 -37.62 13.09
C ILE A 318 13.56 -37.00 13.95
N GLY A 319 13.27 -35.87 14.59
CA GLY A 319 14.28 -35.20 15.37
C GLY A 319 14.46 -33.74 14.97
N PRO A 320 14.78 -33.51 13.68
CA PRO A 320 14.86 -32.13 13.17
C PRO A 320 13.59 -31.28 13.31
N ILE A 323 11.06 -26.99 15.66
CA ILE A 323 10.93 -27.27 17.09
C ILE A 323 11.91 -28.38 17.44
N CYS A 324 12.87 -28.06 18.31
CA CYS A 324 13.92 -29.01 18.72
C CYS A 324 13.59 -29.65 20.07
N THR A 325 12.30 -29.86 20.37
CA THR A 325 11.89 -30.54 21.60
C THR A 325 11.66 -32.03 21.44
N THR A 326 11.54 -32.55 20.22
CA THR A 326 11.55 -33.99 20.02
C THR A 326 12.72 -34.61 20.78
N ARG A 327 13.94 -34.20 20.44
CA ARG A 327 15.13 -34.73 21.10
C ARG A 327 15.15 -34.41 22.59
N ILE A 328 14.72 -33.21 22.97
CA ILE A 328 14.89 -32.76 24.35
C ILE A 328 13.92 -33.49 25.29
N VAL A 329 12.64 -33.49 24.94
CA VAL A 329 11.67 -34.14 25.82
C VAL A 329 11.81 -35.66 25.76
N THR A 330 12.11 -36.19 24.57
CA THR A 330 12.05 -37.64 24.38
C THR A 330 13.41 -38.30 24.29
N GLY A 331 14.45 -37.60 23.79
CA GLY A 331 15.74 -38.20 23.53
C GLY A 331 15.88 -38.92 22.21
N VAL A 332 14.84 -38.90 21.35
CA VAL A 332 14.79 -39.69 20.11
C VAL A 332 15.07 -38.77 18.93
N GLY A 333 15.75 -39.30 17.92
CA GLY A 333 16.02 -38.57 16.70
C GLY A 333 17.19 -39.14 15.92
N VAL A 334 17.22 -38.86 14.62
CA VAL A 334 18.38 -39.15 13.80
C VAL A 334 18.76 -37.87 13.07
N PRO A 335 20.03 -37.50 13.08
CA PRO A 335 20.48 -36.32 12.33
C PRO A 335 20.13 -36.42 10.86
N GLN A 336 19.67 -35.30 10.29
CA GLN A 336 18.86 -35.37 9.08
C GLN A 336 19.58 -36.03 7.91
N ILE A 337 20.91 -35.89 7.82
CA ILE A 337 21.60 -36.26 6.60
C ILE A 337 21.78 -37.77 6.51
N THR A 338 22.30 -38.37 7.59
CA THR A 338 22.28 -39.81 7.77
C THR A 338 20.88 -40.38 7.58
N ALA A 339 19.87 -39.70 8.13
CA ALA A 339 18.52 -40.21 8.00
C ALA A 339 18.12 -40.26 6.53
N VAL A 340 18.14 -39.11 5.86
CA VAL A 340 17.78 -39.07 4.44
C VAL A 340 18.54 -40.13 3.66
N ALA A 341 19.83 -40.28 3.94
CA ALA A 341 20.66 -41.13 3.10
C ALA A 341 20.44 -42.60 3.41
N ASP A 342 20.01 -42.94 4.62
CA ASP A 342 19.67 -44.33 4.88
C ASP A 342 18.38 -44.73 4.15
N ALA A 343 17.35 -43.87 4.18
CA ALA A 343 16.13 -44.10 3.40
C ALA A 343 16.42 -44.26 1.92
N VAL A 344 17.08 -43.27 1.31
CA VAL A 344 17.43 -43.38 -0.10
C VAL A 344 18.08 -44.71 -0.41
N GLU A 345 19.03 -45.11 0.42
CA GLU A 345 19.74 -46.35 0.13
C GLU A 345 18.85 -47.56 0.35
N ALA A 346 18.06 -47.56 1.43
CA ALA A 346 17.14 -48.66 1.67
C ALA A 346 16.13 -48.85 0.54
N LEU A 347 15.85 -47.80 -0.22
CA LEU A 347 14.88 -47.87 -1.31
C LEU A 347 15.56 -47.91 -2.68
N GLU A 348 16.88 -48.06 -2.70
CA GLU A 348 17.63 -48.06 -3.96
C GLU A 348 17.08 -49.15 -4.87
N GLY A 349 16.51 -48.73 -6.02
CA GLY A 349 16.01 -49.63 -7.03
C GLY A 349 14.50 -49.65 -7.18
N THR A 350 13.76 -49.28 -6.13
CA THR A 350 12.31 -49.34 -6.12
C THR A 350 11.65 -48.16 -6.84
N GLY A 351 12.40 -47.14 -7.20
CA GLY A 351 11.76 -45.96 -7.74
C GLY A 351 10.83 -45.22 -6.79
N ILE A 352 10.87 -45.53 -5.50
CA ILE A 352 10.13 -44.74 -4.50
C ILE A 352 10.96 -43.51 -4.11
N PRO A 353 10.46 -42.29 -4.35
CA PRO A 353 11.18 -41.08 -3.91
C PRO A 353 11.11 -40.87 -2.40
N VAL A 354 11.99 -39.98 -1.92
CA VAL A 354 12.15 -39.65 -0.51
C VAL A 354 12.14 -38.13 -0.32
N ILE A 355 11.24 -37.65 0.55
CA ILE A 355 11.10 -36.23 0.89
C ILE A 355 11.82 -35.98 2.21
N ALA A 356 12.49 -34.84 2.31
CA ALA A 356 13.18 -34.44 3.53
C ALA A 356 12.35 -33.37 4.25
N ASP A 357 11.93 -33.67 5.49
CA ASP A 357 11.05 -32.81 6.28
C ASP A 357 11.80 -32.23 7.48
N GLY A 358 11.96 -30.91 7.48
CA GLY A 358 12.33 -30.17 8.67
C GLY A 358 13.81 -30.21 8.97
N GLY A 359 14.25 -29.25 9.77
CA GLY A 359 15.66 -29.03 9.98
C GLY A 359 16.27 -28.04 9.01
N ILE A 360 15.44 -27.47 8.13
CA ILE A 360 15.87 -26.75 6.93
C ILE A 360 15.80 -25.25 7.24
N ARG A 361 16.95 -24.65 7.49
CA ARG A 361 17.02 -23.21 7.69
C ARG A 361 17.29 -22.46 6.37
N PHE A 362 18.39 -22.78 5.70
CA PHE A 362 18.86 -21.98 4.58
C PHE A 362 18.55 -22.64 3.23
N SER A 363 18.82 -21.86 2.18
CA SER A 363 18.85 -22.39 0.82
C SER A 363 19.84 -23.54 0.70
N GLY A 364 20.96 -23.47 1.43
CA GLY A 364 22.00 -24.48 1.35
C GLY A 364 21.67 -25.79 2.03
N ASP A 365 20.72 -25.79 2.97
CA ASP A 365 20.24 -27.07 3.53
C ASP A 365 19.39 -27.83 2.52
N ILE A 366 18.57 -27.12 1.74
CA ILE A 366 17.81 -27.78 0.68
C ILE A 366 18.77 -28.57 -0.22
N ALA A 367 19.81 -27.89 -0.69
CA ALA A 367 20.74 -28.52 -1.63
C ALA A 367 21.40 -29.75 -1.03
N LYS A 368 21.69 -29.73 0.29
CA LYS A 368 22.30 -30.88 0.95
C LYS A 368 21.33 -32.06 1.06
N ALA A 369 20.07 -31.78 1.45
CA ALA A 369 19.02 -32.78 1.45
C ALA A 369 18.92 -33.48 0.10
N ILE A 370 18.82 -32.71 -0.99
CA ILE A 370 18.70 -33.33 -2.30
C ILE A 370 19.94 -34.13 -2.65
N ALA A 371 21.13 -33.63 -2.25
CA ALA A 371 22.41 -34.29 -2.59
C ALA A 371 22.55 -35.64 -1.89
N ALA A 372 22.12 -35.72 -0.62
CA ALA A 372 21.95 -36.97 0.12
C ALA A 372 20.84 -37.88 -0.44
N GLY A 373 20.18 -37.48 -1.52
CA GLY A 373 19.30 -38.37 -2.26
C GLY A 373 17.83 -38.05 -2.16
N ALA A 374 17.46 -37.06 -1.35
CA ALA A 374 16.07 -36.59 -1.31
C ALA A 374 15.62 -36.14 -2.70
N SER A 375 14.44 -36.60 -3.12
CA SER A 375 13.89 -36.12 -4.39
C SER A 375 13.15 -34.81 -4.24
N ALA A 376 12.91 -34.35 -3.01
CA ALA A 376 12.17 -33.12 -2.73
C ALA A 376 12.26 -32.84 -1.24
N VAL A 377 11.82 -31.64 -0.86
CA VAL A 377 11.99 -31.11 0.49
C VAL A 377 10.65 -30.53 0.98
N MET A 378 10.35 -30.75 2.25
CA MET A 378 9.19 -30.15 2.90
C MET A 378 9.62 -29.03 3.83
N VAL A 379 8.83 -27.97 3.89
CA VAL A 379 9.11 -26.82 4.73
C VAL A 379 7.82 -26.32 5.33
N GLY A 380 7.89 -25.83 6.57
CA GLY A 380 6.74 -25.28 7.23
C GLY A 380 7.01 -23.89 7.77
N SER A 381 7.81 -23.83 8.84
CA SER A 381 8.13 -22.56 9.48
C SER A 381 8.84 -21.59 8.55
N MET A 382 9.36 -22.05 7.42
CA MET A 382 9.98 -21.13 6.48
C MET A 382 8.95 -20.27 5.75
N LEU A 383 7.67 -20.66 5.78
CA LEU A 383 6.60 -19.92 5.10
C LEU A 383 5.53 -19.43 6.05
N ALA A 384 5.68 -19.65 7.35
CA ALA A 384 4.58 -19.54 8.30
C ALA A 384 4.03 -18.11 8.44
N GLY A 385 4.78 -17.09 8.05
CA GLY A 385 4.25 -15.74 8.19
C GLY A 385 4.06 -14.99 6.88
N THR A 386 3.74 -15.71 5.81
CA THR A 386 3.58 -15.10 4.50
C THR A 386 2.15 -14.59 4.29
N GLU A 387 1.99 -13.74 3.27
CA GLU A 387 0.66 -13.26 2.94
C GLU A 387 -0.29 -14.41 2.64
N GLU A 388 0.16 -15.37 1.83
CA GLU A 388 -0.62 -16.55 1.49
C GLU A 388 -0.78 -17.50 2.67
N SER A 389 0.08 -17.41 3.68
CA SER A 389 -0.11 -18.17 4.90
C SER A 389 -1.43 -17.77 5.56
N PRO A 390 -2.04 -18.68 6.34
CA PRO A 390 -3.25 -18.37 7.13
C PRO A 390 -3.10 -17.17 8.07
N ARG A 445 5.10 -11.76 1.41
CA ARG A 445 4.64 -12.53 0.26
C ARG A 445 5.53 -13.75 0.01
N LEU A 446 4.97 -14.74 -0.71
CA LEU A 446 5.64 -16.03 -0.91
C LEU A 446 6.41 -16.14 -2.22
N LYS A 447 6.02 -15.40 -3.27
CA LYS A 447 6.77 -15.41 -4.52
C LYS A 447 8.26 -15.23 -4.30
N GLU A 448 8.63 -14.58 -3.20
CA GLU A 448 9.99 -14.12 -2.93
C GLU A 448 10.81 -15.13 -2.14
N ILE A 449 10.24 -15.69 -1.06
CA ILE A 449 10.93 -16.77 -0.34
C ILE A 449 11.34 -17.86 -1.32
N ILE A 450 10.45 -18.23 -2.23
CA ILE A 450 10.75 -19.31 -3.17
C ILE A 450 11.82 -18.88 -4.15
N HIS A 451 11.83 -17.60 -4.54
CA HIS A 451 12.83 -17.11 -5.49
C HIS A 451 14.23 -17.15 -4.91
N GLN A 452 14.41 -16.75 -3.65
CA GLN A 452 15.76 -16.78 -3.08
C GLN A 452 16.17 -18.19 -2.66
N GLN A 453 15.25 -18.98 -2.09
CA GLN A 453 15.56 -20.37 -1.76
C GLN A 453 15.96 -21.13 -3.02
N MET A 454 15.13 -21.03 -4.07
CA MET A 454 15.42 -21.69 -5.34
C MET A 454 16.60 -21.06 -6.04
N GLY A 455 16.87 -19.79 -5.75
CA GLY A 455 18.03 -19.13 -6.33
C GLY A 455 19.33 -19.65 -5.74
N GLY A 456 19.33 -19.95 -4.44
CA GLY A 456 20.49 -20.60 -3.84
C GLY A 456 20.69 -22.00 -4.37
N LEU A 457 19.62 -22.77 -4.47
CA LEU A 457 19.73 -24.07 -5.11
C LEU A 457 20.40 -23.95 -6.47
N ARG A 458 20.01 -22.94 -7.27
CA ARG A 458 20.61 -22.78 -8.58
C ARG A 458 22.10 -22.51 -8.45
N SER A 459 22.48 -21.56 -7.59
CA SER A 459 23.88 -21.33 -7.25
C SER A 459 24.62 -22.62 -6.92
N CYS A 460 24.02 -23.43 -6.04
CA CYS A 460 24.66 -24.69 -5.66
C CYS A 460 24.72 -25.67 -6.82
N MET A 461 23.69 -25.68 -7.67
CA MET A 461 23.71 -26.57 -8.83
C MET A 461 24.83 -26.18 -9.78
N GLY A 462 25.00 -24.87 -10.00
CA GLY A 462 26.10 -24.39 -10.83
C GLY A 462 27.47 -24.76 -10.27
N LEU A 463 27.67 -24.56 -8.96
CA LEU A 463 28.97 -24.81 -8.32
C LEU A 463 29.34 -26.28 -8.28
N THR A 464 28.36 -27.17 -8.18
CA THR A 464 28.62 -28.61 -8.12
C THR A 464 28.53 -29.30 -9.49
N GLY A 465 28.14 -28.61 -10.54
CA GLY A 465 28.09 -29.23 -11.86
C GLY A 465 26.91 -30.15 -12.07
N CYS A 466 25.75 -29.83 -11.52
CA CYS A 466 24.55 -30.65 -11.66
C CYS A 466 23.44 -29.74 -12.15
N GLY A 467 22.98 -29.97 -13.37
CA GLY A 467 21.91 -29.19 -13.97
C GLY A 467 20.51 -29.78 -13.87
N THR A 468 20.40 -31.05 -13.49
CA THR A 468 19.13 -31.73 -13.25
C THR A 468 19.10 -32.20 -11.81
N ILE A 469 17.94 -32.08 -11.14
CA ILE A 469 17.83 -32.53 -9.76
C ILE A 469 18.32 -33.96 -9.64
N ASP A 470 17.99 -34.79 -10.62
CA ASP A 470 18.46 -36.17 -10.57
C ASP A 470 19.99 -36.23 -10.52
N GLU A 471 20.65 -35.30 -11.21
CA GLU A 471 22.11 -35.18 -11.13
C GLU A 471 22.55 -34.87 -9.70
N LEU A 472 22.06 -33.75 -9.15
CA LEU A 472 22.39 -33.36 -7.78
C LEU A 472 22.07 -34.46 -6.74
N ARG A 473 21.13 -35.37 -7.04
CA ARG A 473 20.82 -36.47 -6.13
C ARG A 473 21.86 -37.58 -6.17
N THR A 474 22.53 -37.80 -7.32
CA THR A 474 23.41 -38.93 -7.52
C THR A 474 24.85 -38.55 -7.81
N LYS A 475 25.11 -37.33 -8.24
CA LYS A 475 26.41 -36.89 -8.71
C LYS A 475 27.23 -36.18 -7.62
N ALA A 476 26.61 -35.31 -6.83
CA ALA A 476 27.36 -34.44 -5.92
C ALA A 476 28.07 -35.26 -4.83
N GLU A 477 29.18 -34.72 -4.32
CA GLU A 477 30.01 -35.37 -3.31
C GLU A 477 30.06 -34.54 -2.04
N PHE A 478 30.38 -35.20 -0.93
CA PHE A 478 30.28 -34.59 0.39
C PHE A 478 31.66 -34.48 1.02
N VAL A 479 31.80 -33.56 1.98
CA VAL A 479 33.04 -33.42 2.73
C VAL A 479 32.69 -33.14 4.19
N ARG A 480 33.35 -33.87 5.11
CA ARG A 480 33.05 -33.76 6.53
C ARG A 480 33.82 -32.58 7.12
N ILE A 481 33.13 -31.69 7.83
CA ILE A 481 33.73 -30.54 8.47
C ILE A 481 33.44 -30.60 9.98
N SER A 482 34.12 -29.74 10.75
CA SER A 482 34.06 -29.85 12.22
C SER A 482 33.17 -28.78 12.90
N ARG B 23 18.15 46.78 36.97
CA ARG B 23 17.55 46.82 35.64
C ARG B 23 16.87 45.47 35.34
N ILE B 24 17.00 44.56 36.30
CA ILE B 24 16.76 43.12 36.12
C ILE B 24 15.39 42.70 36.64
N ALA B 25 14.33 43.14 35.96
CA ALA B 25 13.00 43.00 36.53
C ALA B 25 11.93 43.16 35.46
N LYS B 26 10.87 42.34 35.52
CA LYS B 26 9.64 42.47 34.74
C LYS B 26 8.64 41.34 34.98
N GLU B 27 8.99 40.13 34.53
CA GLU B 27 8.29 38.84 34.63
C GLU B 27 7.43 38.54 33.41
N ALA B 28 7.56 37.32 32.91
CA ALA B 28 7.02 36.92 31.63
C ALA B 28 6.65 35.44 31.71
N LEU B 29 5.75 35.03 30.81
CA LEU B 29 4.94 33.84 31.03
C LEU B 29 5.02 33.00 29.77
N THR B 30 5.09 31.68 29.90
CA THR B 30 5.10 30.83 28.72
C THR B 30 3.83 29.96 28.72
N PHE B 31 3.77 29.01 27.78
CA PHE B 31 2.58 28.17 27.69
C PHE B 31 2.37 27.37 28.97
N ASP B 32 3.39 26.62 29.40
CA ASP B 32 3.33 25.80 30.61
C ASP B 32 3.06 26.60 31.86
N ASP B 33 3.09 27.93 31.79
CA ASP B 33 2.85 28.79 32.93
C ASP B 33 1.37 29.11 33.14
N VAL B 34 0.51 28.76 32.19
CA VAL B 34 -0.89 29.19 32.22
C VAL B 34 -1.79 28.01 31.90
N LEU B 35 -3.02 28.10 32.35
CA LEU B 35 -4.05 27.20 31.91
C LEU B 35 -5.29 27.99 31.58
N LEU B 36 -6.09 27.44 30.68
CA LEU B 36 -7.32 28.07 30.27
C LEU B 36 -8.45 27.61 31.17
N VAL B 37 -9.23 28.55 31.68
CA VAL B 37 -10.29 28.27 32.64
C VAL B 37 -11.57 27.83 31.92
N PRO B 38 -12.34 26.89 32.47
CA PRO B 38 -13.65 26.56 31.88
C PRO B 38 -14.71 27.61 32.19
N ALA B 39 -15.65 27.70 31.27
CA ALA B 39 -16.72 28.67 31.35
C ALA B 39 -18.04 28.00 31.01
N HIS B 40 -19.13 28.62 31.45
CA HIS B 40 -20.42 28.26 30.91
C HIS B 40 -20.34 28.26 29.39
N SER B 41 -20.89 27.23 28.79
CA SER B 41 -20.69 26.99 27.37
C SER B 41 -21.96 26.44 26.74
N THR B 42 -22.30 26.96 25.55
CA THR B 42 -23.25 26.30 24.68
C THR B 42 -22.57 25.79 23.42
N VAL B 43 -21.23 25.71 23.45
CA VAL B 43 -20.43 25.35 22.27
C VAL B 43 -20.09 23.88 22.34
N LEU B 44 -20.31 23.15 21.23
CA LEU B 44 -19.98 21.76 20.96
C LEU B 44 -18.75 21.68 20.07
N PRO B 45 -17.85 20.72 20.33
CA PRO B 45 -16.64 20.56 19.50
C PRO B 45 -16.87 20.53 17.99
N ASN B 46 -17.73 19.61 17.51
CA ASN B 46 -18.01 19.45 16.07
C ASN B 46 -18.80 20.62 15.48
N THR B 47 -19.16 21.65 16.24
CA THR B 47 -19.88 22.79 15.71
C THR B 47 -19.17 24.12 15.96
N ALA B 48 -17.99 24.09 16.57
CA ALA B 48 -17.22 25.30 16.73
C ALA B 48 -16.65 25.73 15.39
N ASP B 49 -16.48 27.04 15.22
CA ASP B 49 -16.05 27.63 13.96
C ASP B 49 -14.56 27.97 14.05
N LEU B 50 -13.75 27.28 13.25
CA LEU B 50 -12.31 27.39 13.32
C LEU B 50 -11.73 28.47 12.41
N SER B 51 -12.52 29.43 12.00
CA SER B 51 -12.04 30.35 10.97
C SER B 51 -11.54 31.63 11.61
N THR B 52 -10.63 32.30 10.92
CA THR B 52 -9.93 33.43 11.53
C THR B 52 -9.27 34.27 10.44
N GLN B 53 -9.24 35.58 10.65
CA GLN B 53 -8.62 36.48 9.70
C GLN B 53 -7.11 36.45 9.89
N LEU B 54 -6.40 35.90 8.90
CA LEU B 54 -4.94 35.93 8.90
C LEU B 54 -4.43 37.36 8.70
N THR B 55 -4.93 38.04 7.67
CA THR B 55 -4.80 39.48 7.45
C THR B 55 -6.18 40.06 7.17
N LYS B 56 -6.24 41.40 7.05
CA LYS B 56 -7.52 42.06 6.84
C LYS B 56 -8.27 41.52 5.62
N THR B 57 -7.59 40.87 4.69
CA THR B 57 -8.20 40.36 3.48
C THR B 57 -8.05 38.85 3.25
N ILE B 58 -7.38 38.11 4.13
CA ILE B 58 -7.26 36.66 3.97
C ILE B 58 -7.79 35.95 5.21
N ARG B 59 -8.77 35.07 4.99
CA ARG B 59 -9.51 34.40 6.06
C ARG B 59 -9.24 32.89 5.97
N LEU B 60 -8.57 32.35 6.98
CA LEU B 60 -8.35 30.93 7.04
C LEU B 60 -9.61 30.23 7.56
N ASN B 61 -9.73 28.95 7.25
CA ASN B 61 -10.78 28.13 7.84
C ASN B 61 -10.32 27.37 9.07
N ILE B 62 -9.00 27.18 9.22
CA ILE B 62 -8.36 26.75 10.46
C ILE B 62 -7.23 27.71 10.76
N PRO B 63 -6.85 27.90 12.03
CA PRO B 63 -5.83 28.89 12.35
C PRO B 63 -4.42 28.31 12.31
N MET B 64 -4.01 27.81 11.14
CA MET B 64 -2.70 27.17 11.03
C MET B 64 -1.92 27.54 9.78
N LEU B 65 -0.64 27.83 9.98
CA LEU B 65 0.29 28.01 8.89
C LEU B 65 1.40 27.00 9.07
N SER B 66 1.91 26.45 7.97
CA SER B 66 3.13 25.66 8.01
C SER B 66 4.33 26.55 7.73
N ALA B 67 5.40 26.35 8.49
CA ALA B 67 6.56 27.21 8.39
C ALA B 67 7.40 26.86 7.15
N ALA B 68 8.07 27.88 6.62
CA ALA B 68 8.86 27.74 5.38
C ALA B 68 10.23 27.16 5.73
N MET B 69 10.25 25.84 5.92
CA MET B 69 11.48 25.11 6.15
C MET B 69 11.64 24.02 5.10
N ASP B 70 12.89 23.80 4.66
CA ASP B 70 13.18 22.80 3.64
C ASP B 70 12.77 21.39 4.05
N THR B 71 12.29 21.20 5.26
CA THR B 71 11.86 19.88 5.72
C THR B 71 10.37 19.83 6.02
N VAL B 72 9.64 20.90 5.71
CA VAL B 72 8.22 20.99 6.04
C VAL B 72 7.39 21.27 4.79
N THR B 73 7.61 22.41 4.14
CA THR B 73 6.64 22.95 3.19
C THR B 73 7.24 23.21 1.81
N GLU B 74 6.82 22.43 0.82
CA GLU B 74 6.94 22.82 -0.57
C GLU B 74 5.55 22.66 -1.19
N ALA B 75 5.49 22.65 -2.53
CA ALA B 75 4.21 22.65 -3.23
C ALA B 75 3.28 21.53 -2.75
N ARG B 76 3.81 20.33 -2.50
CA ARG B 76 2.98 19.23 -2.02
C ARG B 76 2.21 19.62 -0.77
N LEU B 77 2.90 19.93 0.33
CA LEU B 77 2.23 20.18 1.60
C LEU B 77 1.35 21.44 1.57
N ALA B 78 1.78 22.47 0.82
CA ALA B 78 1.00 23.70 0.74
C ALA B 78 -0.38 23.45 0.17
N ILE B 79 -0.47 22.58 -0.84
CA ILE B 79 -1.75 22.14 -1.39
C ILE B 79 -2.52 21.35 -0.33
N ALA B 80 -1.86 20.38 0.29
CA ALA B 80 -2.50 19.58 1.34
C ALA B 80 -3.08 20.47 2.44
N LEU B 81 -2.33 21.51 2.85
CA LEU B 81 -2.78 22.32 3.98
C LEU B 81 -3.89 23.29 3.58
N ALA B 82 -3.82 23.87 2.38
CA ALA B 82 -4.87 24.79 1.95
C ALA B 82 -6.19 24.07 1.74
N GLN B 83 -6.13 22.79 1.33
CA GLN B 83 -7.34 21.98 1.23
C GLN B 83 -7.98 21.73 2.60
N GLU B 84 -7.16 21.72 3.66
CA GLU B 84 -7.61 21.56 5.05
C GLU B 84 -8.24 22.83 5.62
N GLY B 85 -7.89 24.01 5.11
CA GLY B 85 -8.34 25.27 5.67
C GLY B 85 -7.20 26.24 5.91
N GLY B 86 -5.97 25.72 5.91
CA GLY B 86 -4.80 26.49 6.24
C GLY B 86 -4.09 27.02 5.01
N ILE B 87 -2.80 27.31 5.17
CA ILE B 87 -2.04 28.00 4.12
C ILE B 87 -0.56 27.76 4.37
N GLY B 88 0.11 27.12 3.40
CA GLY B 88 1.50 26.78 3.56
C GLY B 88 2.46 27.80 2.90
N PHE B 89 3.69 27.81 3.39
CA PHE B 89 4.67 28.81 2.99
C PHE B 89 5.86 28.12 2.35
N ILE B 90 6.06 28.33 1.04
CA ILE B 90 7.19 27.74 0.32
C ILE B 90 8.49 28.43 0.74
N HIS B 91 9.53 27.63 0.96
CA HIS B 91 10.78 28.05 1.57
C HIS B 91 11.80 28.54 0.52
N LYS B 92 12.73 29.38 0.97
CA LYS B 92 13.68 30.07 0.11
C LYS B 92 15.01 29.36 0.00
N ASN B 93 15.10 28.14 0.53
CA ASN B 93 16.26 27.27 0.37
C ASN B 93 16.14 26.47 -0.92
N MET B 94 15.98 27.24 -2.00
CA MET B 94 15.81 26.70 -3.35
C MET B 94 15.95 27.86 -4.33
N SER B 95 16.10 27.53 -5.60
CA SER B 95 16.33 28.55 -6.60
C SER B 95 15.15 29.51 -6.65
N ILE B 96 15.44 30.78 -6.98
CA ILE B 96 14.37 31.76 -7.21
C ILE B 96 13.35 31.18 -8.17
N GLU B 97 13.82 30.61 -9.28
CA GLU B 97 12.91 30.11 -10.31
C GLU B 97 12.17 28.85 -9.83
N ARG B 98 12.85 28.00 -9.07
CA ARG B 98 12.15 26.83 -8.55
C ARG B 98 11.14 27.23 -7.46
N GLN B 99 11.39 28.33 -6.76
CA GLN B 99 10.45 28.76 -5.73
C GLN B 99 9.19 29.35 -6.36
N ALA B 100 9.34 30.09 -7.46
CA ALA B 100 8.16 30.64 -8.13
C ALA B 100 7.29 29.53 -8.73
N GLU B 101 7.90 28.49 -9.28
CA GLU B 101 7.11 27.46 -9.91
C GLU B 101 6.40 26.63 -8.88
N GLU B 102 6.81 26.75 -7.65
CA GLU B 102 6.16 26.02 -6.59
C GLU B 102 4.89 26.74 -6.29
N VAL B 103 4.98 28.04 -6.23
CA VAL B 103 3.82 28.83 -5.97
C VAL B 103 2.82 28.63 -7.06
N ARG B 104 3.24 28.69 -8.30
CA ARG B 104 2.34 28.52 -9.41
C ARG B 104 1.69 27.19 -9.35
N ARG B 105 2.39 26.20 -8.84
CA ARG B 105 1.80 24.87 -8.76
C ARG B 105 0.64 24.85 -7.79
N VAL B 106 0.80 25.47 -6.61
CA VAL B 106 -0.31 25.57 -5.69
C VAL B 106 -1.39 26.47 -6.29
N LYS B 107 -0.99 27.61 -6.85
CA LYS B 107 -1.96 28.55 -7.40
C LYS B 107 -2.83 27.95 -8.51
N LYS B 108 -2.31 27.00 -9.28
CA LYS B 108 -3.11 26.39 -10.36
C LYS B 108 -4.02 25.30 -9.85
N HIS B 109 -4.08 25.11 -8.52
CA HIS B 109 -4.96 24.15 -7.87
C HIS B 109 -6.25 24.83 -7.42
N GLU B 110 -7.35 24.12 -7.58
CA GLU B 110 -8.62 24.50 -6.98
C GLU B 110 -8.84 23.61 -5.77
N SER B 111 -10.02 23.71 -5.13
CA SER B 111 -10.38 22.70 -4.14
C SER B 111 -10.02 21.33 -4.68
N ALA B 112 -10.63 20.92 -5.79
CA ALA B 112 -10.28 19.64 -6.39
C ALA B 112 -10.38 19.68 -7.92
N ILE B 113 -9.76 20.67 -8.55
CA ILE B 113 -9.50 20.65 -9.99
C ILE B 113 -8.07 21.12 -10.23
N VAL B 114 -7.38 20.45 -11.16
CA VAL B 114 -5.99 20.74 -11.45
C VAL B 114 -5.94 21.43 -12.81
N ARG B 115 -5.90 22.76 -12.78
CA ARG B 115 -5.55 23.50 -13.99
C ARG B 115 -4.06 23.31 -14.29
N ASP B 116 -3.71 23.35 -15.58
CA ASP B 116 -2.36 23.05 -16.03
C ASP B 116 -1.93 21.66 -15.54
N PRO B 117 -2.63 20.61 -15.94
CA PRO B 117 -2.16 19.27 -15.59
C PRO B 117 -0.89 18.92 -16.36
N VAL B 118 -0.31 17.79 -15.99
CA VAL B 118 0.85 17.28 -16.71
C VAL B 118 0.32 16.54 -17.94
N THR B 119 0.67 17.03 -19.11
CA THR B 119 0.09 16.53 -20.35
C THR B 119 1.09 15.66 -21.09
N VAL B 120 0.67 15.22 -22.28
CA VAL B 120 1.54 14.58 -23.25
C VAL B 120 1.03 15.03 -24.61
N THR B 121 1.67 14.54 -25.65
CA THR B 121 1.28 14.84 -27.03
C THR B 121 1.19 13.51 -27.73
N PRO B 122 0.51 13.43 -28.87
CA PRO B 122 0.34 12.12 -29.50
C PRO B 122 1.65 11.45 -29.87
N SER B 123 2.68 12.23 -30.17
CA SER B 123 3.91 11.64 -30.66
C SER B 123 4.95 11.43 -29.55
N THR B 124 4.60 11.73 -28.29
CA THR B 124 5.32 11.19 -27.15
C THR B 124 5.52 9.69 -27.33
N LYS B 125 6.77 9.22 -27.17
CA LYS B 125 7.02 7.78 -27.20
C LYS B 125 6.48 7.18 -25.92
N ILE B 126 6.06 5.92 -25.97
CA ILE B 126 5.47 5.33 -24.78
C ILE B 126 6.56 4.98 -23.78
N ILE B 127 7.79 4.71 -24.24
CA ILE B 127 8.93 4.55 -23.33
C ILE B 127 9.09 5.78 -22.44
N GLU B 128 9.20 6.96 -23.05
CA GLU B 128 9.26 8.23 -22.33
C GLU B 128 8.03 8.47 -21.45
N LEU B 129 6.93 7.75 -21.70
CA LEU B 129 5.68 7.91 -20.97
C LEU B 129 5.70 7.17 -19.64
N LEU B 130 6.31 5.98 -19.61
CA LEU B 130 6.43 5.22 -18.37
C LEU B 130 7.44 5.87 -17.41
N GLN B 131 8.45 6.58 -17.93
CA GLN B 131 9.31 7.37 -17.05
C GLN B 131 8.51 8.48 -16.38
N MET B 132 7.63 9.16 -17.12
CA MET B 132 6.79 10.17 -16.52
C MET B 132 5.94 9.59 -15.39
N ALA B 133 5.45 8.37 -15.57
CA ALA B 133 4.59 7.79 -14.54
C ALA B 133 5.40 7.25 -13.36
N ARG B 134 6.51 6.56 -13.65
CA ARG B 134 7.45 6.17 -12.59
C ARG B 134 7.83 7.39 -11.75
N GLU B 135 8.09 8.52 -12.41
CA GLU B 135 8.47 9.73 -11.70
C GLU B 135 7.28 10.41 -11.03
N TYR B 136 6.21 10.69 -11.79
CA TYR B 136 5.17 11.57 -11.27
C TYR B 136 4.23 10.90 -10.27
N GLY B 137 4.14 9.57 -10.27
CA GLY B 137 3.31 8.86 -9.33
C GLY B 137 1.87 8.64 -9.77
N PHE B 138 1.43 9.35 -10.81
CA PHE B 138 0.15 9.07 -11.45
C PHE B 138 0.41 8.68 -12.90
N SER B 139 -0.37 7.73 -13.39
CA SER B 139 -0.13 7.19 -14.73
C SER B 139 -1.08 7.76 -15.77
N GLY B 140 -1.85 8.79 -15.43
CA GLY B 140 -2.91 9.25 -16.32
C GLY B 140 -2.67 10.65 -16.82
N PHE B 141 -2.56 10.82 -18.15
CA PHE B 141 -2.28 12.15 -18.67
C PHE B 141 -3.24 12.49 -19.80
N PRO B 142 -3.69 13.73 -19.83
CA PRO B 142 -4.40 14.20 -21.02
C PRO B 142 -3.40 14.34 -22.16
N VAL B 143 -3.85 14.01 -23.38
CA VAL B 143 -3.02 14.17 -24.57
C VAL B 143 -3.39 15.48 -25.24
N VAL B 144 -2.40 16.31 -25.57
CA VAL B 144 -2.63 17.63 -26.17
C VAL B 144 -1.75 17.90 -27.39
N GLU B 145 -2.15 18.93 -28.12
CA GLU B 145 -1.57 19.36 -29.40
C GLU B 145 -1.66 20.89 -29.37
N GLN B 146 -0.68 21.51 -28.70
CA GLN B 146 -0.63 22.97 -28.51
C GLN B 146 -1.93 23.50 -27.92
N GLY B 147 -2.27 23.02 -26.72
CA GLY B 147 -3.47 23.48 -26.05
C GLY B 147 -4.76 22.75 -26.37
N GLU B 148 -5.00 22.39 -27.65
CA GLU B 148 -6.14 21.55 -28.02
C GLU B 148 -6.03 20.18 -27.40
N LEU B 149 -7.09 19.76 -26.71
CA LEU B 149 -7.18 18.41 -26.16
C LEU B 149 -7.47 17.43 -27.27
N VAL B 150 -6.83 16.28 -27.20
CA VAL B 150 -6.69 15.49 -28.42
C VAL B 150 -6.89 13.99 -28.15
N GLY B 151 -6.51 13.54 -26.96
CA GLY B 151 -6.84 12.23 -26.44
C GLY B 151 -6.63 12.19 -24.94
N ILE B 152 -6.58 10.98 -24.40
CA ILE B 152 -6.19 10.75 -23.00
C ILE B 152 -5.59 9.35 -22.93
N VAL B 153 -4.52 9.23 -22.16
CA VAL B 153 -3.86 7.95 -21.93
C VAL B 153 -3.67 7.77 -20.42
N THR B 154 -4.13 6.63 -19.91
CA THR B 154 -4.12 6.35 -18.48
C THR B 154 -3.42 5.04 -18.17
N GLY B 155 -3.55 4.55 -16.93
CA GLY B 155 -2.89 3.31 -16.56
C GLY B 155 -3.31 2.13 -17.43
N ARG B 156 -4.62 2.01 -17.66
CA ARG B 156 -5.16 0.83 -18.35
C ARG B 156 -4.61 0.68 -19.76
N ASP B 157 -4.21 1.79 -20.38
CA ASP B 157 -3.81 1.78 -21.78
C ASP B 157 -2.33 1.47 -21.98
N LEU B 158 -1.68 0.78 -21.04
CA LEU B 158 -0.25 0.55 -21.14
C LEU B 158 0.17 -0.92 -21.13
N ARG B 159 -0.76 -1.85 -20.89
CA ARG B 159 -0.44 -3.25 -20.68
C ARG B 159 -0.29 -3.97 -22.03
N VAL B 160 0.72 -3.53 -22.79
CA VAL B 160 1.06 -4.14 -24.08
C VAL B 160 2.56 -4.18 -24.38
N LYS B 161 3.07 -3.12 -25.02
CA LYS B 161 4.42 -3.09 -25.57
C LYS B 161 5.46 -2.73 -24.49
N ASP B 166 6.78 2.82 -31.09
CA ASP B 166 5.40 3.31 -30.99
C ASP B 166 5.29 4.56 -30.13
N THR B 167 4.20 5.31 -30.36
CA THR B 167 3.92 6.54 -29.63
C THR B 167 2.56 6.44 -28.95
N VAL B 168 2.33 7.38 -28.01
CA VAL B 168 1.06 7.56 -27.31
C VAL B 168 -0.09 7.36 -28.25
N ALA B 169 0.03 7.97 -29.43
CA ALA B 169 -1.03 8.03 -30.42
C ALA B 169 -1.62 6.66 -30.73
N ALA B 170 -0.84 5.59 -30.60
CA ALA B 170 -1.36 4.26 -30.86
C ALA B 170 -2.36 3.81 -29.79
N ILE B 171 -2.08 4.12 -28.53
CA ILE B 171 -2.77 3.52 -27.40
C ILE B 171 -3.70 4.49 -26.68
N MET B 172 -3.84 5.72 -27.17
CA MET B 172 -4.59 6.72 -26.44
C MET B 172 -6.08 6.64 -26.78
N THR B 173 -6.91 7.01 -25.82
CA THR B 173 -8.35 7.06 -26.08
C THR B 173 -8.63 8.28 -26.95
N PRO B 174 -9.15 8.09 -28.16
CA PRO B 174 -9.16 9.15 -29.18
C PRO B 174 -10.04 10.33 -28.80
N LYS B 175 -9.88 11.39 -29.60
CA LYS B 175 -10.63 12.63 -29.37
C LYS B 175 -12.14 12.40 -29.33
N ASP B 176 -12.67 11.54 -30.23
CA ASP B 176 -14.11 11.47 -30.39
C ASP B 176 -14.82 10.74 -29.24
N LYS B 177 -14.10 10.02 -28.38
CA LYS B 177 -14.72 9.31 -27.26
C LYS B 177 -14.40 9.93 -25.90
N LEU B 178 -13.84 11.14 -25.88
CA LEU B 178 -13.48 11.78 -24.61
C LEU B 178 -14.71 12.31 -23.89
N VAL B 179 -14.84 11.93 -22.62
CA VAL B 179 -15.87 12.50 -21.73
C VAL B 179 -15.28 13.75 -21.08
N THR B 180 -15.95 14.89 -21.27
CA THR B 180 -15.42 16.19 -20.83
C THR B 180 -16.54 16.99 -20.18
N ALA B 181 -16.19 18.17 -19.66
CA ALA B 181 -17.13 19.12 -19.07
C ALA B 181 -16.63 20.54 -19.31
N ARG B 182 -17.53 21.44 -19.73
CA ARG B 182 -17.18 22.84 -19.97
C ARG B 182 -16.79 23.53 -18.65
N GLU B 183 -15.93 24.54 -18.74
CA GLU B 183 -15.53 25.17 -17.48
C GLU B 183 -16.71 25.93 -16.90
N GLY B 184 -16.94 25.74 -15.59
CA GLY B 184 -18.08 26.26 -14.89
C GLY B 184 -19.01 25.18 -14.37
N THR B 185 -19.04 24.01 -15.01
CA THR B 185 -19.92 22.95 -14.55
C THR B 185 -19.55 22.55 -13.12
N PRO B 186 -20.55 22.36 -12.25
CA PRO B 186 -20.26 22.06 -10.84
C PRO B 186 -19.65 20.70 -10.68
N LEU B 187 -19.01 20.49 -9.52
CA LEU B 187 -18.31 19.23 -9.27
C LEU B 187 -19.28 18.05 -9.28
N GLU B 188 -20.50 18.24 -8.78
CA GLU B 188 -21.49 17.18 -8.78
C GLU B 188 -21.82 16.72 -10.20
N GLU B 189 -22.04 17.68 -11.12
CA GLU B 189 -22.38 17.32 -12.51
C GLU B 189 -21.25 16.51 -13.16
N MET B 190 -20.00 16.72 -12.75
CA MET B 190 -18.91 15.93 -13.27
C MET B 190 -18.82 14.56 -12.61
N LYS B 191 -19.18 14.48 -11.32
CA LYS B 191 -19.25 13.18 -10.65
C LYS B 191 -20.34 12.30 -11.28
N ALA B 192 -21.54 12.86 -11.46
CA ALA B 192 -22.55 12.25 -12.29
C ALA B 192 -21.97 11.71 -13.59
N LYS B 193 -21.32 12.58 -14.39
CA LYS B 193 -20.80 12.20 -15.71
C LYS B 193 -19.73 11.13 -15.60
N LEU B 194 -18.76 11.34 -14.71
CA LEU B 194 -17.68 10.37 -14.52
C LEU B 194 -18.22 8.99 -14.18
N TYR B 195 -19.22 8.93 -13.27
CA TYR B 195 -19.82 7.65 -12.88
C TYR B 195 -20.67 7.03 -14.01
N GLU B 196 -21.52 7.85 -14.65
CA GLU B 196 -22.35 7.35 -15.75
C GLU B 196 -21.48 6.73 -16.85
N ASN B 197 -20.25 7.18 -17.00
CA ASN B 197 -19.34 6.69 -18.03
C ASN B 197 -18.34 5.68 -17.49
N ARG B 198 -18.37 5.44 -16.18
CA ARG B 198 -17.53 4.44 -15.53
C ARG B 198 -16.07 4.72 -15.81
N ILE B 199 -15.64 5.94 -15.46
CA ILE B 199 -14.28 6.41 -15.69
C ILE B 199 -13.88 7.32 -14.54
N GLU B 200 -12.54 7.47 -14.37
CA GLU B 200 -11.93 8.09 -13.18
C GLU B 200 -11.39 9.50 -13.41
N LYS B 201 -11.34 9.99 -14.65
CA LYS B 201 -10.71 11.28 -14.98
C LYS B 201 -11.67 12.13 -15.81
N MET B 202 -12.01 13.33 -15.32
CA MET B 202 -12.80 14.30 -16.06
C MET B 202 -11.91 15.40 -16.63
N LEU B 203 -12.00 15.62 -17.94
CA LEU B 203 -11.25 16.68 -18.62
C LEU B 203 -12.09 17.94 -18.69
N VAL B 204 -11.59 19.01 -18.09
CA VAL B 204 -12.24 20.32 -18.19
C VAL B 204 -11.75 20.97 -19.48
N VAL B 205 -12.67 21.61 -20.20
CA VAL B 205 -12.52 21.90 -21.62
C VAL B 205 -13.19 23.23 -21.95
N ASP B 206 -12.64 23.90 -22.98
CA ASP B 206 -13.02 25.17 -23.58
C ASP B 206 -14.24 25.06 -24.51
N GLU B 207 -14.74 26.23 -24.90
CA GLU B 207 -15.62 26.32 -26.07
C GLU B 207 -14.96 25.75 -27.33
N ASN B 208 -13.63 25.88 -27.45
CA ASN B 208 -12.84 25.38 -28.58
C ASN B 208 -12.14 24.04 -28.29
N PHE B 209 -12.56 23.32 -27.25
CA PHE B 209 -11.95 22.04 -26.89
C PHE B 209 -10.46 22.22 -26.59
N TYR B 210 -10.13 23.27 -25.87
CA TYR B 210 -8.78 23.44 -25.34
C TYR B 210 -8.78 22.98 -23.89
N LEU B 211 -7.86 22.10 -23.54
CA LEU B 211 -7.80 21.64 -22.16
C LEU B 211 -7.69 22.80 -21.17
N ARG B 212 -8.55 22.83 -20.19
CA ARG B 212 -8.47 23.83 -19.14
C ARG B 212 -8.35 23.26 -17.72
N GLY B 213 -8.44 21.93 -17.54
CA GLY B 213 -8.35 21.33 -16.21
C GLY B 213 -8.56 19.83 -16.24
N LEU B 214 -8.00 19.18 -15.21
CA LEU B 214 -8.12 17.74 -15.00
C LEU B 214 -8.65 17.50 -13.58
N VAL B 215 -9.61 16.59 -13.43
CA VAL B 215 -10.17 16.33 -12.11
C VAL B 215 -10.58 14.87 -11.99
N THR B 216 -9.93 14.15 -11.09
CA THR B 216 -10.22 12.73 -10.90
C THR B 216 -11.44 12.53 -9.99
N PHE B 217 -11.88 11.27 -9.94
CA PHE B 217 -12.88 10.85 -8.98
C PHE B 217 -12.35 10.93 -7.55
N ARG B 218 -11.08 10.57 -7.37
CA ARG B 218 -10.41 10.75 -6.08
C ARG B 218 -10.59 12.16 -5.56
N ASP B 219 -10.29 13.16 -6.39
CA ASP B 219 -10.29 14.54 -5.94
C ASP B 219 -11.68 15.04 -5.56
N ILE B 220 -12.71 14.59 -6.27
CA ILE B 220 -14.07 15.03 -5.96
C ILE B 220 -14.58 14.43 -4.65
N GLU B 221 -14.19 13.19 -4.35
CA GLU B 221 -14.56 12.61 -3.07
C GLU B 221 -13.86 13.34 -1.93
N LYS B 222 -12.53 13.52 -2.05
CA LYS B 222 -11.72 14.26 -1.08
C LYS B 222 -12.06 15.74 -1.02
N ALA B 223 -13.05 16.20 -1.78
CA ALA B 223 -13.49 17.59 -1.73
C ALA B 223 -14.97 17.73 -1.37
N GLU B 224 -15.72 16.63 -1.32
CA GLU B 224 -17.06 16.62 -0.73
C GLU B 224 -16.96 16.53 0.79
N ARG B 225 -16.11 15.64 1.29
CA ARG B 225 -15.59 15.71 2.63
C ARG B 225 -14.47 16.75 2.68
N LYS B 226 -14.26 17.32 3.86
CA LYS B 226 -13.28 18.39 4.04
C LYS B 226 -13.49 19.50 2.99
N PRO B 227 -14.68 20.13 2.98
CA PRO B 227 -14.99 21.12 1.94
C PRO B 227 -14.55 22.52 2.33
N ASN B 228 -13.60 22.62 3.24
CA ASN B 228 -13.19 23.90 3.81
C ASN B 228 -11.81 24.33 3.31
N ALA B 229 -11.56 24.13 2.02
CA ALA B 229 -10.29 24.60 1.46
C ALA B 229 -10.22 26.11 1.53
N CYS B 230 -9.03 26.63 1.73
CA CYS B 230 -8.80 28.06 1.87
C CYS B 230 -8.40 28.60 0.50
N LYS B 231 -9.32 29.31 -0.15
CA LYS B 231 -9.15 29.74 -1.52
C LYS B 231 -9.35 31.24 -1.62
N ASP B 232 -8.90 31.80 -2.74
CA ASP B 232 -9.05 33.20 -3.10
C ASP B 232 -10.31 33.39 -3.93
N GLU B 233 -10.56 34.62 -4.38
CA GLU B 233 -11.79 34.96 -5.08
C GLU B 233 -11.90 34.30 -6.45
N GLN B 234 -10.80 33.78 -6.99
CA GLN B 234 -10.83 32.94 -8.18
C GLN B 234 -10.92 31.46 -7.84
N GLY B 235 -11.17 31.12 -6.57
CA GLY B 235 -11.34 29.74 -6.15
C GLY B 235 -10.08 28.92 -6.15
N ARG B 236 -8.96 29.56 -6.45
CA ARG B 236 -7.68 28.80 -6.41
CA ARG B 236 -7.63 28.88 -6.42
C ARG B 236 -6.80 28.82 -5.03
N LEU B 237 -6.33 27.63 -4.81
CA LEU B 237 -5.64 27.39 -3.54
C LEU B 237 -4.75 28.56 -3.19
N ARG B 238 -4.89 29.04 -1.95
CA ARG B 238 -4.04 30.09 -1.41
C ARG B 238 -2.67 29.53 -1.01
N VAL B 239 -1.66 30.39 -1.03
CA VAL B 239 -0.29 29.95 -0.76
C VAL B 239 0.56 31.13 -0.31
N GLY B 240 1.51 30.86 0.59
CA GLY B 240 2.52 31.83 0.98
C GLY B 240 3.91 31.45 0.47
N ALA B 241 4.83 32.41 0.58
CA ALA B 241 6.25 32.19 0.30
C ALA B 241 7.10 33.10 1.18
N ALA B 242 8.24 32.56 1.62
CA ALA B 242 9.16 33.31 2.47
C ALA B 242 10.34 33.86 1.68
N VAL B 243 10.80 35.03 2.13
CA VAL B 243 12.08 35.59 1.77
C VAL B 243 12.72 36.08 3.06
N GLY B 244 14.04 36.25 3.01
CA GLY B 244 14.75 36.99 4.05
C GLY B 244 14.84 38.45 3.66
N ALA B 245 15.38 39.24 4.58
CA ALA B 245 15.63 40.64 4.30
C ALA B 245 17.08 40.81 3.85
N GLY B 246 17.61 42.01 4.00
CA GLY B 246 18.99 42.28 3.67
C GLY B 246 19.27 42.60 2.21
N ALA B 247 18.29 43.17 1.49
CA ALA B 247 18.45 43.56 0.09
C ALA B 247 18.85 42.38 -0.79
N GLY B 248 19.01 42.62 -2.09
CA GLY B 248 19.32 41.56 -3.02
C GLY B 248 18.21 40.56 -3.25
N ASN B 249 17.30 40.46 -2.28
CA ASN B 249 16.10 39.64 -2.41
C ASN B 249 15.06 40.25 -3.34
N GLU B 250 15.32 41.44 -3.91
CA GLU B 250 14.32 42.09 -4.76
C GLU B 250 13.96 41.24 -5.98
N GLU B 251 14.96 40.67 -6.64
CA GLU B 251 14.64 39.83 -7.81
C GLU B 251 13.81 38.64 -7.41
N ARG B 252 13.92 38.22 -6.14
CA ARG B 252 13.14 37.09 -5.64
C ARG B 252 11.74 37.51 -5.24
N VAL B 253 11.64 38.57 -4.42
CA VAL B 253 10.34 39.12 -4.03
C VAL B 253 9.50 39.43 -5.26
N ASP B 254 10.12 39.95 -6.32
CA ASP B 254 9.41 40.22 -7.57
C ASP B 254 8.97 38.92 -8.22
N ALA B 255 9.76 37.86 -8.10
CA ALA B 255 9.47 36.64 -8.82
C ALA B 255 8.32 35.85 -8.19
N LEU B 256 8.13 35.97 -6.88
CA LEU B 256 7.00 35.31 -6.24
C LEU B 256 5.72 36.11 -6.42
N VAL B 257 5.82 37.45 -6.47
CA VAL B 257 4.64 38.24 -6.83
C VAL B 257 4.17 37.87 -8.22
N ALA B 258 5.08 37.95 -9.17
CA ALA B 258 4.80 37.53 -10.54
C ALA B 258 4.19 36.12 -10.60
N ALA B 259 4.53 35.25 -9.65
CA ALA B 259 3.94 33.91 -9.58
C ALA B 259 2.62 33.90 -8.83
N GLY B 260 2.13 35.05 -8.39
CA GLY B 260 0.81 35.16 -7.83
C GLY B 260 0.69 34.46 -6.49
N VAL B 261 1.57 34.83 -5.58
CA VAL B 261 1.52 34.34 -4.21
C VAL B 261 0.46 35.15 -3.45
N ASP B 262 -0.11 34.56 -2.40
CA ASP B 262 -1.15 35.29 -1.70
C ASP B 262 -0.56 36.22 -0.65
N VAL B 263 0.44 35.73 0.07
CA VAL B 263 1.02 36.48 1.18
C VAL B 263 2.51 36.24 1.13
N LEU B 264 3.29 37.33 1.06
CA LEU B 264 4.75 37.25 1.13
C LEU B 264 5.25 37.30 2.59
N LEU B 265 6.11 36.38 2.94
CA LEU B 265 6.72 36.37 4.26
C LEU B 265 8.11 37.00 4.18
N ILE B 266 8.32 38.10 4.86
CA ILE B 266 9.66 38.65 5.04
C ILE B 266 10.12 38.24 6.44
N ASP B 267 10.95 37.20 6.49
CA ASP B 267 11.20 36.42 7.69
C ASP B 267 12.63 36.66 8.17
N SER B 268 12.76 37.04 9.45
CA SER B 268 14.02 37.45 10.03
C SER B 268 14.20 36.84 11.42
N SER B 269 15.46 36.56 11.78
CA SER B 269 15.72 36.16 13.16
C SER B 269 15.38 37.28 14.12
N HIS B 270 15.43 38.53 13.65
CA HIS B 270 15.14 39.68 14.49
C HIS B 270 14.54 40.77 13.60
N GLY B 271 13.21 40.89 13.65
CA GLY B 271 12.51 41.77 12.75
C GLY B 271 12.43 43.23 13.16
N HIS B 272 12.84 43.58 14.37
CA HIS B 272 12.83 44.98 14.73
C HIS B 272 14.12 45.67 14.33
N SER B 273 15.03 44.98 13.65
CA SER B 273 16.19 45.65 13.08
C SER B 273 15.75 46.58 11.95
N GLU B 274 16.55 47.62 11.70
CA GLU B 274 16.24 48.60 10.67
C GLU B 274 16.28 48.04 9.25
N GLY B 275 17.12 47.06 8.98
CA GLY B 275 17.21 46.54 7.64
C GLY B 275 15.95 45.81 7.20
N VAL B 276 15.27 45.16 8.14
CA VAL B 276 14.02 44.47 7.87
C VAL B 276 12.87 45.46 7.69
N LEU B 277 12.72 46.38 8.65
CA LEU B 277 11.73 47.44 8.47
C LEU B 277 11.85 48.05 7.10
N GLN B 278 13.08 48.24 6.63
CA GLN B 278 13.35 48.84 5.33
C GLN B 278 12.79 48.00 4.19
N ARG B 279 13.24 46.73 4.09
CA ARG B 279 12.70 45.83 3.06
C ARG B 279 11.18 45.94 2.99
N ILE B 280 10.53 45.82 4.15
CA ILE B 280 9.06 45.83 4.23
C ILE B 280 8.51 47.15 3.70
N ARG B 281 9.12 48.27 4.10
CA ARG B 281 8.71 49.56 3.56
C ARG B 281 8.83 49.58 2.04
N GLU B 282 9.90 49.00 1.51
CA GLU B 282 10.14 49.01 0.07
C GLU B 282 9.14 48.14 -0.67
N THR B 283 8.92 46.92 -0.17
CA THR B 283 8.01 46.00 -0.84
C THR B 283 6.58 46.57 -0.86
N ARG B 284 6.13 47.10 0.28
CA ARG B 284 4.82 47.76 0.32
C ARG B 284 4.72 48.89 -0.70
N ALA B 285 5.85 49.50 -1.08
CA ALA B 285 5.83 50.52 -2.13
C ALA B 285 5.58 49.92 -3.50
N LYS B 286 6.23 48.80 -3.81
CA LYS B 286 6.08 48.23 -5.13
C LYS B 286 4.81 47.40 -5.29
N TYR B 287 4.07 47.10 -4.22
CA TYR B 287 2.91 46.20 -4.29
C TYR B 287 1.90 46.60 -3.23
N PRO B 288 1.19 47.72 -3.43
CA PRO B 288 0.40 48.30 -2.33
C PRO B 288 -0.66 47.37 -1.76
N ASP B 289 -1.07 46.33 -2.48
CA ASP B 289 -2.13 45.44 -2.00
C ASP B 289 -1.64 44.02 -1.74
N LEU B 290 -0.34 43.78 -1.79
CA LEU B 290 0.17 42.45 -1.48
C LEU B 290 0.19 42.25 0.03
N GLN B 291 -0.27 41.08 0.45
CA GLN B 291 -0.35 40.75 1.86
C GLN B 291 1.00 40.26 2.38
N ILE B 292 1.57 41.01 3.32
CA ILE B 292 2.90 40.78 3.84
C ILE B 292 2.82 40.44 5.33
N ILE B 293 3.50 39.37 5.72
CA ILE B 293 3.83 39.10 7.11
C ILE B 293 5.29 39.46 7.32
N GLY B 294 5.57 40.28 8.32
CA GLY B 294 6.91 40.47 8.83
C GLY B 294 7.08 39.70 10.13
N GLY B 295 8.30 39.20 10.34
CA GLY B 295 8.69 38.60 11.60
C GLY B 295 10.19 38.53 11.72
N ASN B 296 10.66 38.15 12.93
CA ASN B 296 9.80 37.95 14.09
C ASN B 296 10.09 39.00 15.12
N VAL B 297 9.03 39.51 15.75
CA VAL B 297 9.21 40.41 16.88
C VAL B 297 8.83 39.67 18.15
N ALA B 298 9.01 40.34 19.30
CA ALA B 298 8.59 39.80 20.58
C ALA B 298 8.09 40.88 21.53
N THR B 299 7.96 42.12 21.09
CA THR B 299 7.62 43.23 21.98
C THR B 299 6.59 44.13 21.32
N ALA B 300 5.93 44.96 22.11
CA ALA B 300 4.97 45.89 21.53
C ALA B 300 5.64 46.83 20.54
N ALA B 301 6.88 47.25 20.85
CA ALA B 301 7.63 48.13 19.95
C ALA B 301 7.85 47.49 18.60
N GLY B 302 8.39 46.27 18.57
CA GLY B 302 8.60 45.59 17.32
C GLY B 302 7.30 45.40 16.55
N ALA B 303 6.22 45.11 17.28
CA ALA B 303 4.94 44.84 16.62
C ALA B 303 4.39 46.11 16.00
N ARG B 304 4.64 47.24 16.62
CA ARG B 304 4.16 48.49 16.12
C ARG B 304 4.96 48.91 14.94
N ALA B 305 6.27 48.72 15.02
CA ALA B 305 7.19 49.12 13.96
C ALA B 305 7.01 48.24 12.74
N LEU B 306 6.73 46.96 12.96
CA LEU B 306 6.45 46.07 11.83
C LEU B 306 5.13 46.44 11.18
N ALA B 307 4.13 46.77 11.99
CA ALA B 307 2.86 47.27 11.46
C ALA B 307 3.06 48.57 10.74
N GLU B 308 3.88 49.44 11.32
CA GLU B 308 4.03 50.79 10.77
C GLU B 308 4.76 50.77 9.44
N ALA B 309 5.62 49.77 9.21
CA ALA B 309 6.33 49.69 7.94
C ALA B 309 5.46 49.15 6.82
N GLY B 310 4.38 48.46 7.16
CA GLY B 310 3.41 48.02 6.16
C GLY B 310 2.98 46.57 6.22
N CYS B 311 3.17 45.93 7.37
CA CYS B 311 2.82 44.52 7.50
C CYS B 311 1.31 44.32 7.57
N SER B 312 0.83 43.31 6.84
CA SER B 312 -0.57 42.90 6.95
C SER B 312 -0.83 42.15 8.24
N ALA B 313 0.17 41.41 8.73
CA ALA B 313 0.16 40.63 9.96
C ALA B 313 1.61 40.49 10.43
N VAL B 314 1.81 40.40 11.74
CA VAL B 314 3.13 40.28 12.33
C VAL B 314 3.27 38.91 12.99
N LYS B 315 4.46 38.30 12.87
CA LYS B 315 4.78 37.02 13.50
C LYS B 315 5.58 37.27 14.78
N VAL B 316 5.37 36.44 15.81
CA VAL B 316 5.94 36.68 17.14
C VAL B 316 6.61 35.42 17.66
N GLY B 317 7.91 35.48 17.89
CA GLY B 317 8.67 34.31 18.25
C GLY B 317 10.14 34.65 18.25
N ILE B 318 10.59 35.27 19.32
CA ILE B 318 12.02 35.47 19.52
C ILE B 318 12.43 34.48 20.60
N GLY B 319 12.99 33.35 20.18
CA GLY B 319 13.50 32.37 21.10
C GLY B 319 12.45 31.79 22.05
N PRO B 320 11.51 31.00 21.50
CA PRO B 320 10.69 30.17 22.35
C PRO B 320 10.94 28.68 22.10
N CYS B 324 14.84 25.68 21.08
CA CYS B 324 15.36 26.91 20.51
C CYS B 324 16.75 27.20 21.07
N THR B 325 17.74 27.22 20.17
CA THR B 325 19.12 27.55 20.52
C THR B 325 19.33 29.06 20.63
N THR B 326 18.47 29.86 20.00
CA THR B 326 18.51 31.30 20.19
C THR B 326 18.60 31.64 21.67
N ARG B 327 17.88 30.92 22.51
CA ARG B 327 17.94 31.15 23.95
C ARG B 327 19.30 30.75 24.53
N ILE B 328 19.79 29.56 24.21
CA ILE B 328 20.99 29.06 24.87
C ILE B 328 22.23 29.78 24.37
N VAL B 329 22.28 29.96 23.07
CA VAL B 329 23.38 30.58 22.39
C VAL B 329 23.47 32.07 22.54
N THR B 330 22.37 32.74 22.25
CA THR B 330 22.34 34.20 22.28
C THR B 330 21.92 34.77 23.63
N GLY B 331 21.25 33.98 24.48
CA GLY B 331 20.72 34.46 25.75
C GLY B 331 19.45 35.28 25.67
N VAL B 332 18.76 35.31 24.53
CA VAL B 332 17.73 36.30 24.22
C VAL B 332 16.40 35.59 23.97
N GLY B 333 15.31 36.22 24.41
CA GLY B 333 13.97 35.68 24.23
C GLY B 333 12.89 36.26 25.12
N VAL B 334 11.65 36.19 24.66
CA VAL B 334 10.48 36.49 25.47
C VAL B 334 9.54 35.29 25.38
N PRO B 335 9.11 34.72 26.49
CA PRO B 335 8.15 33.61 26.44
C PRO B 335 6.85 34.00 25.74
N GLN B 336 6.29 33.03 25.02
CA GLN B 336 5.29 33.29 23.98
C GLN B 336 4.03 33.94 24.54
N ILE B 337 3.57 33.50 25.70
CA ILE B 337 2.28 33.98 26.21
C ILE B 337 2.32 35.49 26.39
N THR B 338 3.35 35.98 27.08
CA THR B 338 3.53 37.43 27.26
C THR B 338 3.87 38.13 25.93
N ALA B 339 4.74 37.55 25.11
CA ALA B 339 5.09 38.18 23.83
C ALA B 339 3.86 38.39 22.94
N VAL B 340 3.06 37.33 22.72
CA VAL B 340 1.84 37.44 21.92
C VAL B 340 0.92 38.54 22.48
N ALA B 341 0.54 38.43 23.75
CA ALA B 341 -0.41 39.40 24.32
C ALA B 341 0.14 40.83 24.33
N ASP B 342 1.47 41.02 24.32
CA ASP B 342 2.02 42.37 24.26
C ASP B 342 1.99 42.92 22.84
N ALA B 343 2.28 42.06 21.86
CA ALA B 343 2.12 42.45 20.47
C ALA B 343 0.66 42.80 20.16
N VAL B 344 -0.27 41.98 20.64
CA VAL B 344 -1.70 42.17 20.36
C VAL B 344 -2.24 43.44 21.03
N GLU B 345 -1.85 43.70 22.28
CA GLU B 345 -2.23 44.97 22.92
C GLU B 345 -1.67 46.15 22.14
N ALA B 346 -0.42 46.04 21.67
CA ALA B 346 0.19 47.09 20.88
C ALA B 346 -0.66 47.46 19.67
N LEU B 347 -1.30 46.47 19.04
CA LEU B 347 -1.87 46.60 17.72
C LEU B 347 -3.40 46.74 17.72
N GLU B 348 -4.02 46.99 18.87
CA GLU B 348 -5.47 47.20 18.95
C GLU B 348 -5.89 48.37 18.07
N GLY B 349 -6.84 48.14 17.17
CA GLY B 349 -7.30 49.18 16.28
C GLY B 349 -6.56 49.30 14.97
N THR B 350 -5.61 48.42 14.67
CA THR B 350 -5.03 48.38 13.35
C THR B 350 -5.69 47.35 12.43
N GLY B 351 -6.29 46.31 13.00
CA GLY B 351 -6.72 45.19 12.19
C GLY B 351 -5.57 44.35 11.66
N ILE B 352 -4.37 44.56 12.19
CA ILE B 352 -3.20 43.76 11.83
C ILE B 352 -3.15 42.58 12.79
N PRO B 353 -3.40 41.35 12.32
CA PRO B 353 -3.42 40.19 13.22
C PRO B 353 -2.01 39.77 13.63
N VAL B 354 -1.95 38.87 14.61
CA VAL B 354 -0.68 38.38 15.14
C VAL B 354 -0.65 36.87 14.98
N ILE B 355 0.49 36.36 14.51
CA ILE B 355 0.74 34.93 14.38
C ILE B 355 1.74 34.52 15.45
N ALA B 356 1.36 33.52 16.25
CA ALA B 356 2.29 32.90 17.19
C ALA B 356 3.12 31.86 16.48
N ASP B 357 4.45 31.91 16.67
CA ASP B 357 5.40 31.11 15.90
C ASP B 357 6.41 30.40 16.81
N GLY B 358 6.35 29.08 16.82
CA GLY B 358 7.30 28.31 17.60
C GLY B 358 7.00 28.36 19.09
N GLY B 359 7.63 27.43 19.79
CA GLY B 359 7.27 27.12 21.16
C GLY B 359 6.12 26.14 21.30
N ILE B 360 5.59 25.64 20.18
CA ILE B 360 4.37 24.83 20.17
C ILE B 360 4.74 23.37 20.48
N ARG B 361 4.32 22.89 21.66
CA ARG B 361 4.55 21.48 22.06
C ARG B 361 3.35 20.63 21.69
N PHE B 362 2.23 20.81 22.39
CA PHE B 362 1.02 20.02 22.25
C PHE B 362 -0.10 20.86 21.65
N SER B 363 -1.27 20.26 21.52
CA SER B 363 -2.41 20.95 20.92
C SER B 363 -2.97 22.06 21.76
N GLY B 364 -3.13 21.83 23.04
CA GLY B 364 -3.64 22.88 23.89
C GLY B 364 -2.76 24.11 23.95
N ASP B 365 -1.49 23.98 23.56
CA ASP B 365 -0.66 25.16 23.44
C ASP B 365 -1.23 26.08 22.37
N ILE B 366 -1.71 25.49 21.26
CA ILE B 366 -2.35 26.27 20.20
C ILE B 366 -3.48 27.11 20.79
N ALA B 367 -4.33 26.47 21.60
CA ALA B 367 -5.46 27.17 22.20
C ALA B 367 -5.00 28.33 23.09
N LYS B 368 -3.96 28.10 23.90
CA LYS B 368 -3.41 29.16 24.75
C LYS B 368 -2.90 30.31 23.90
N ALA B 369 -2.12 30.03 22.86
CA ALA B 369 -1.63 31.07 21.97
C ALA B 369 -2.75 31.94 21.44
N ILE B 370 -3.80 31.31 20.89
CA ILE B 370 -4.98 32.04 20.43
C ILE B 370 -5.62 32.83 21.56
N ALA B 371 -5.78 32.19 22.73
CA ALA B 371 -6.38 32.87 23.88
C ALA B 371 -5.55 34.09 24.30
N ALA B 372 -4.22 33.99 24.20
CA ALA B 372 -3.38 35.16 24.45
C ALA B 372 -3.53 36.22 23.36
N GLY B 373 -4.32 35.93 22.32
CA GLY B 373 -4.69 36.90 21.33
C GLY B 373 -4.11 36.67 19.95
N ALA B 374 -3.52 35.51 19.69
CA ALA B 374 -3.05 35.23 18.34
C ALA B 374 -4.24 34.88 17.44
N SER B 375 -4.20 35.34 16.19
CA SER B 375 -5.24 34.96 15.25
C SER B 375 -4.89 33.73 14.43
N ALA B 376 -3.62 33.38 14.31
CA ALA B 376 -3.26 32.05 13.82
C ALA B 376 -1.95 31.62 14.46
N VAL B 377 -1.59 30.36 14.23
CA VAL B 377 -0.33 29.83 14.72
C VAL B 377 0.44 29.25 13.55
N MET B 378 1.77 29.32 13.64
CA MET B 378 2.65 28.64 12.71
C MET B 378 3.21 27.41 13.38
N VAL B 379 3.33 26.34 12.61
CA VAL B 379 3.95 25.10 13.07
C VAL B 379 4.79 24.54 11.92
N GLY B 380 5.87 23.85 12.26
CA GLY B 380 6.70 23.26 11.24
C GLY B 380 7.25 21.90 11.64
N SER B 381 7.84 21.84 12.83
CA SER B 381 8.32 20.57 13.37
C SER B 381 7.21 19.54 13.42
N MET B 382 6.00 19.97 13.79
CA MET B 382 4.82 19.10 13.80
C MET B 382 4.66 18.34 12.49
N LEU B 383 4.84 19.01 11.35
CA LEU B 383 4.52 18.46 10.04
C LEU B 383 5.75 17.97 9.27
N ALA B 384 6.94 17.98 9.89
CA ALA B 384 8.21 17.73 9.19
C ALA B 384 8.41 16.26 8.76
N GLY B 385 7.63 15.32 9.30
CA GLY B 385 7.73 13.94 8.85
C GLY B 385 6.55 13.42 8.04
N THR B 386 5.61 14.27 7.63
CA THR B 386 4.36 13.78 7.09
C THR B 386 4.57 13.13 5.72
N GLU B 387 3.47 12.69 5.13
CA GLU B 387 3.52 12.22 3.75
C GLU B 387 3.84 13.38 2.80
N GLU B 388 3.00 14.41 2.86
CA GLU B 388 3.03 15.54 1.95
C GLU B 388 4.21 16.48 2.19
N SER B 389 5.00 16.26 3.25
CA SER B 389 6.23 17.01 3.43
C SER B 389 7.30 16.44 2.51
N PRO B 390 8.31 17.25 2.15
CA PRO B 390 9.41 16.86 1.25
C PRO B 390 10.02 15.48 1.52
N TYR B 442 9.33 7.87 10.03
CA TYR B 442 8.52 8.64 10.96
C TYR B 442 7.46 9.48 10.24
N LYS B 443 6.28 8.95 9.94
CA LYS B 443 5.47 9.78 9.08
C LYS B 443 4.01 9.97 9.46
N GLY B 444 3.15 10.00 8.45
CA GLY B 444 1.73 10.26 8.59
C GLY B 444 1.22 10.98 7.38
N ARG B 445 -0.09 10.92 7.18
CA ARG B 445 -0.75 11.79 6.22
C ARG B 445 -1.18 13.06 6.94
N LEU B 446 -1.04 14.20 6.24
CA LEU B 446 -1.33 15.50 6.85
C LEU B 446 -2.70 15.52 7.53
N LYS B 447 -3.76 15.08 6.81
CA LYS B 447 -5.15 15.19 7.29
C LYS B 447 -5.38 14.60 8.67
N GLU B 448 -4.53 13.68 9.12
CA GLU B 448 -4.68 13.07 10.44
C GLU B 448 -4.07 13.95 11.54
N ILE B 449 -2.86 14.50 11.31
CA ILE B 449 -2.28 15.46 12.26
C ILE B 449 -3.21 16.66 12.43
N ILE B 450 -3.63 17.27 11.31
CA ILE B 450 -4.51 18.44 11.40
C ILE B 450 -5.81 18.08 12.08
N HIS B 451 -6.23 16.81 11.98
CA HIS B 451 -7.46 16.40 12.64
C HIS B 451 -7.28 16.30 14.14
N GLN B 452 -6.24 15.57 14.58
CA GLN B 452 -5.97 15.44 16.02
C GLN B 452 -5.75 16.81 16.65
N GLN B 453 -5.02 17.70 15.99
CA GLN B 453 -4.80 19.01 16.57
C GLN B 453 -6.10 19.81 16.60
N MET B 454 -6.85 19.82 15.49
CA MET B 454 -8.02 20.70 15.43
C MET B 454 -9.14 20.16 16.30
N GLY B 455 -9.14 18.85 16.54
CA GLY B 455 -10.06 18.31 17.51
C GLY B 455 -9.71 18.74 18.91
N GLY B 456 -8.42 18.95 19.17
CA GLY B 456 -8.01 19.44 20.48
C GLY B 456 -8.45 20.87 20.72
N LEU B 457 -8.26 21.71 19.71
CA LEU B 457 -8.75 23.07 19.82
C LEU B 457 -10.26 23.07 19.98
N ARG B 458 -10.94 22.12 19.34
CA ARG B 458 -12.40 22.06 19.42
C ARG B 458 -12.86 21.74 20.83
N SER B 459 -12.26 20.72 21.46
CA SER B 459 -12.40 20.44 22.88
C SER B 459 -12.35 21.71 23.71
N CYS B 460 -11.23 22.42 23.60
CA CYS B 460 -10.98 23.63 24.37
C CYS B 460 -12.09 24.65 24.23
N MET B 461 -12.49 24.96 23.00
CA MET B 461 -13.53 25.97 22.77
C MET B 461 -14.85 25.55 23.39
N GLY B 462 -15.20 24.27 23.27
CA GLY B 462 -16.38 23.79 23.97
C GLY B 462 -16.28 23.99 25.46
N LEU B 463 -15.07 23.79 26.00
CA LEU B 463 -14.87 23.94 27.44
C LEU B 463 -14.90 25.41 27.87
N THR B 464 -14.41 26.34 27.02
CA THR B 464 -14.28 27.74 27.44
C THR B 464 -15.49 28.59 27.08
N GLY B 465 -16.49 28.02 26.42
CA GLY B 465 -17.67 28.77 26.06
C GLY B 465 -17.44 29.69 24.88
N CYS B 466 -16.66 29.24 23.89
CA CYS B 466 -16.14 30.09 22.82
C CYS B 466 -16.40 29.44 21.47
N GLY B 467 -17.37 30.00 20.73
CA GLY B 467 -17.78 29.46 19.45
C GLY B 467 -16.86 29.78 18.29
N THR B 468 -16.37 31.01 18.23
CA THR B 468 -15.48 31.45 17.16
C THR B 468 -14.08 31.70 17.70
N ILE B 469 -13.09 31.57 16.82
CA ILE B 469 -11.75 32.04 17.13
C ILE B 469 -11.79 33.48 17.59
N ASP B 470 -12.72 34.28 17.08
CA ASP B 470 -12.91 35.62 17.63
C ASP B 470 -13.21 35.54 19.13
N GLU B 471 -14.15 34.68 19.52
CA GLU B 471 -14.55 34.60 20.91
C GLU B 471 -13.38 34.15 21.80
N LEU B 472 -12.67 33.11 21.37
CA LEU B 472 -11.55 32.58 22.16
C LEU B 472 -10.48 33.66 22.43
N ARG B 473 -10.05 34.39 21.39
CA ARG B 473 -9.00 35.40 21.52
C ARG B 473 -9.36 36.52 22.48
N THR B 474 -10.63 36.68 22.83
CA THR B 474 -11.05 37.84 23.60
C THR B 474 -11.83 37.51 24.86
N LYS B 475 -12.42 36.30 24.97
CA LYS B 475 -13.28 35.94 26.08
C LYS B 475 -12.54 35.12 27.13
N ALA B 476 -11.84 34.07 26.71
CA ALA B 476 -11.32 33.07 27.63
C ALA B 476 -10.30 33.67 28.58
N GLU B 477 -10.50 33.43 29.87
CA GLU B 477 -9.63 33.87 30.93
C GLU B 477 -8.55 32.83 31.21
N PHE B 478 -7.50 33.26 31.92
CA PHE B 478 -6.35 32.43 32.22
C PHE B 478 -6.21 32.23 33.72
N VAL B 479 -5.46 31.18 34.07
CA VAL B 479 -5.14 30.88 35.47
C VAL B 479 -3.65 30.52 35.54
N ARG B 480 -2.95 31.06 36.55
CA ARG B 480 -1.52 30.87 36.67
C ARG B 480 -1.21 29.65 37.52
N ILE B 481 -0.43 28.72 36.98
CA ILE B 481 -0.04 27.52 37.70
C ILE B 481 1.45 27.56 38.02
N SER B 482 1.80 26.82 39.09
CA SER B 482 3.16 26.78 39.60
C SER B 482 3.72 25.41 39.31
N GLY B 483 3.71 24.49 40.28
CA GLY B 483 4.17 23.11 40.07
C GLY B 483 3.62 22.17 41.13
MG MG C . -9.91 -3.39 -9.94
MG MG D . -6.86 -1.58 -11.77
PG ATP E . -7.18 -4.36 -10.88
O1G ATP E . -7.74 -3.13 -11.54
O2G ATP E . -5.78 -4.53 -11.29
O3G ATP E . -7.26 -4.24 -9.41
PB ATP E . -9.36 -6.13 -10.62
O1B ATP E . -9.69 -4.89 -9.83
O2B ATP E . -10.39 -6.23 -11.68
O3B ATP E . -7.91 -5.77 -11.26
PA ATP E . -9.52 -8.05 -8.28
O1A ATP E . -10.92 -7.75 -7.89
O2A ATP E . -8.65 -7.26 -7.38
O3A ATP E . -9.27 -7.61 -9.86
O5' ATP E . -9.18 -9.60 -8.00
C5' ATP E . -8.61 -10.34 -9.02
C4' ATP E . -8.02 -11.50 -8.49
O4' ATP E . -8.98 -12.17 -7.50
C3' ATP E . -7.73 -12.57 -9.54
O3' ATP E . -6.28 -12.98 -9.50
C2' ATP E . -8.60 -13.53 -9.37
O2' ATP E . -8.06 -14.88 -9.28
C1' ATP E . -9.40 -13.27 -8.00
N9 ATP E . -10.82 -13.11 -8.21
C8 ATP E . -11.39 -12.00 -8.56
N7 ATP E . -12.70 -12.18 -8.65
C5 ATP E . -12.96 -13.43 -8.32
C6 ATP E . -14.14 -14.16 -8.23
N6 ATP E . -15.42 -13.54 -8.53
N1 ATP E . -14.07 -15.41 -7.86
C2 ATP E . -12.92 -15.97 -7.59
N3 ATP E . -11.79 -15.30 -7.67
C4 ATP E . -11.77 -14.03 -8.03
PG ATP F . -10.52 -0.51 -10.81
O1G ATP F . -9.26 -0.90 -11.53
O2G ATP F . -10.76 1.01 -10.80
O3G ATP F . -10.62 -1.03 -9.36
PB ATP F . -12.40 -2.49 -11.86
O1B ATP F . -11.56 -3.51 -11.16
O2B ATP F . -13.86 -2.32 -11.49
O3B ATP F . -11.77 -1.11 -11.53
PA ATP F . -12.93 -3.56 -14.69
O1A ATP F . -13.77 -4.59 -14.08
O2A ATP F . -11.86 -4.08 -15.85
O3A ATP F . -12.24 -2.64 -13.45
O5' ATP F . -13.93 -2.53 -15.35
C5' ATP F . -15.06 -2.01 -14.62
C4' ATP F . -16.21 -1.64 -15.53
O4' ATP F . -16.23 -2.50 -16.69
C3' ATP F . -17.57 -1.85 -14.87
O3' ATP F . -18.52 -0.96 -15.46
C2' ATP F . -17.83 -3.33 -15.17
O2' ATP F . -19.19 -3.75 -15.03
C1' ATP F . -17.33 -3.40 -16.61
N9 ATP F . -16.89 -4.73 -17.04
C8 ATP F . -15.92 -5.52 -16.48
N7 ATP F . -15.74 -6.67 -17.10
C5 ATP F . -16.67 -6.64 -18.13
C6 ATP F . -16.98 -7.56 -19.14
N6 ATP F . -16.38 -8.74 -19.29
N1 ATP F . -17.97 -7.23 -20.01
C2 ATP F . -18.57 -6.05 -19.87
N3 ATP F . -18.36 -5.10 -18.96
C4 ATP F . -17.39 -5.46 -18.11
MG MG G . -6.47 4.03 -11.64
MG MG H . -8.86 2.10 -9.87
PG ATP I . -7.06 1.46 -12.90
O1G ATP I . -7.18 0.01 -13.24
O2G ATP I . -5.63 1.90 -12.64
O3G ATP I . -7.98 1.88 -11.73
PB ATP I . -7.12 3.64 -15.02
O1B ATP I . -6.55 4.77 -14.22
O2B ATP I . -6.19 3.16 -16.15
O3B ATP I . -7.57 2.35 -14.14
PA ATP I . -9.40 5.25 -15.92
O1A ATP I . -8.67 6.50 -15.63
O2A ATP I . -10.72 5.06 -15.16
O3A ATP I . -8.52 3.98 -15.71
O5' ATP I . -9.72 5.03 -17.45
C5' ATP I . -9.90 3.71 -18.00
C4' ATP I . -10.11 3.81 -19.48
O4' ATP I . -11.01 4.90 -19.76
C3' ATP I . -8.84 4.09 -20.30
O3' ATP I . -8.89 3.43 -21.56
C2' ATP I . -8.85 5.61 -20.41
O2' ATP I . -8.17 6.08 -21.56
C1' ATP I . -10.36 5.89 -20.53
N9 ATP I . -10.76 7.22 -20.06
C8 ATP I . -10.42 7.83 -18.89
N7 ATP I . -10.91 9.04 -18.74
C5 ATP I . -11.61 9.25 -19.93
C6 ATP I . -12.37 10.33 -20.42
N6 ATP I . -12.56 11.48 -19.75
N1 ATP I . -12.93 10.21 -21.64
C2 ATP I . -12.75 9.07 -22.32
N3 ATP I . -12.07 7.99 -21.96
C4 ATP I . -11.52 8.13 -20.75
PG ATP J . -7.92 4.93 -8.94
O1G ATP J . -7.82 3.94 -10.06
O2G ATP J . -9.32 4.88 -8.22
O3G ATP J . -6.68 4.82 -7.95
PB ATP J . -7.05 7.23 -10.59
O1B ATP J . -7.98 8.26 -11.14
O2B ATP J . -6.46 6.22 -11.57
O3B ATP J . -7.82 6.41 -9.49
PA ATP J . -4.41 8.52 -10.06
O1A ATP J . -4.27 8.98 -11.45
O2A ATP J . -3.32 7.50 -9.64
O3A ATP J . -5.84 7.84 -9.75
O5' ATP J . -4.49 9.73 -9.03
C5' ATP J . -3.31 10.42 -8.60
C4' ATP J . -3.73 11.84 -8.33
O4' ATP J . -2.80 12.77 -8.92
C3' ATP J . -5.09 12.20 -8.92
O3' ATP J . -6.11 11.83 -8.01
C2' ATP J . -4.96 13.71 -9.13
O2' ATP J . -5.07 14.41 -7.91
C1' ATP J . -3.50 13.82 -9.59
N9 ATP J . -3.26 13.69 -11.02
C8 ATP J . -3.60 12.64 -11.84
N7 ATP J . -3.22 12.78 -13.09
C5 ATP J . -2.57 14.00 -13.10
C6 ATP J . -1.92 14.74 -14.12
N6 ATP J . -1.84 14.31 -15.38
N1 ATP J . -1.37 15.93 -13.79
C2 ATP J . -1.46 16.35 -12.53
N3 ATP J . -2.04 15.75 -11.48
C4 ATP J . -2.58 14.57 -11.84
#